data_6GYZ
#
_entry.id   6GYZ
#
_cell.length_a   88.653
_cell.length_b   93.884
_cell.length_c   156.308
_cell.angle_alpha   90.000
_cell.angle_beta   90.000
_cell.angle_gamma   90.000
#
_symmetry.space_group_name_H-M   'P 21 21 21'
#
_entity_poly.entity_id   1
_entity_poly.type   'polypeptide(L)'
_entity_poly.pdbx_seq_one_letter_code
;MGKYFGTDGVRGVANQELTPELAFKLGRYGGYVLAHNKGEKHPRVLVGRDTRVSGEMLESALIAGLISIGAEVMRLGIIS
TPGVAYLTRDMGAELGVMISASHNPVADNGIKFFGSDGFKLSDEQENEIEALLDQENPELPRPVGNDIVHYSDYFEGAQK
YLSYLKSTVDVNFEGLKIALDGANGSTSSLAPFLFGDLEADTETIGCSPDGYNINEKCGSTHPEKLAEKVVETESDFGLA
FDGDGDRIIAVDENGQIVDGDQIMFIIGQEMHKNQELNNDMIVSTVMSNLGFYKALEQEGIKSNKTKVGDRYVVEEMRRG
NYNLGGEQSGHIVMMDYNTTGDGLLTGIQLASVIKMTGKSLSELAGQMKKYPQSLINVRVTDKYRVEENVDVKEVMTKVE
VEMNGEGRILVRPSGTEPLVRVMVEAATDEDAERFAQQIADVVQDKMGLDKLVPR
;
_entity_poly.pdbx_strand_id   A,B
#
# COMPACT_ATOMS: atom_id res chain seq x y z
N LYS A 3 21.32 -5.62 15.91
CA LYS A 3 20.11 -6.44 15.82
C LYS A 3 18.84 -5.63 15.62
N TYR A 4 18.14 -5.91 14.52
CA TYR A 4 16.88 -5.21 14.27
C TYR A 4 15.81 -5.63 15.25
N PHE A 5 15.68 -6.93 15.49
CA PHE A 5 14.65 -7.43 16.41
C PHE A 5 15.06 -7.12 17.84
N GLY A 6 14.12 -6.56 18.61
CA GLY A 6 14.38 -6.29 20.00
C GLY A 6 13.63 -7.26 20.89
N THR A 7 13.20 -6.79 22.06
CA THR A 7 12.44 -7.65 22.95
C THR A 7 11.10 -8.03 22.33
N ASP A 8 10.43 -7.08 21.67
CA ASP A 8 9.09 -7.30 21.17
C ASP A 8 9.02 -6.78 19.73
N GLY A 9 9.60 -7.55 18.80
CA GLY A 9 9.61 -7.20 17.39
C GLY A 9 10.66 -6.17 17.00
N VAL A 10 10.44 -5.54 15.85
CA VAL A 10 11.33 -4.51 15.32
C VAL A 10 10.68 -3.16 15.60
N ARG A 11 11.32 -2.35 16.45
CA ARG A 11 10.79 -1.04 16.81
C ARG A 11 11.81 0.05 16.53
N GLY A 12 11.30 1.23 16.18
CA GLY A 12 12.14 2.39 15.93
C GLY A 12 11.27 3.58 15.62
N VAL A 13 11.91 4.75 15.51
CA VAL A 13 11.18 5.95 15.11
C VAL A 13 10.83 5.84 13.63
N ALA A 14 9.54 6.05 13.34
CA ALA A 14 9.04 5.87 11.98
C ALA A 14 9.68 6.87 11.01
N ASN A 15 10.15 6.36 9.89
CA ASN A 15 10.71 7.06 8.73
C ASN A 15 12.18 7.42 8.90
N GLN A 16 12.86 7.00 9.97
CA GLN A 16 14.32 7.17 10.02
C GLN A 16 14.98 5.89 10.49
N GLU A 17 14.73 5.48 11.74
CA GLU A 17 15.21 4.17 12.18
C GLU A 17 14.35 3.04 11.63
N LEU A 18 13.02 3.19 11.67
CA LEU A 18 12.13 2.24 11.03
C LEU A 18 11.59 2.92 9.78
N THR A 19 12.10 2.50 8.64
CA THR A 19 11.83 3.10 7.35
C THR A 19 10.95 2.20 6.49
N PRO A 20 10.25 2.77 5.51
CA PRO A 20 9.49 1.93 4.58
C PRO A 20 10.35 0.89 3.87
N GLU A 21 11.62 1.21 3.61
CA GLU A 21 12.52 0.22 3.03
C GLU A 21 12.69 -0.98 3.95
N LEU A 22 12.79 -0.73 5.27
CA LEU A 22 12.88 -1.83 6.21
C LEU A 22 11.57 -2.62 6.26
N ALA A 23 10.44 -1.91 6.26
CA ALA A 23 9.14 -2.57 6.26
C ALA A 23 8.98 -3.46 5.03
N PHE A 24 9.46 -3.00 3.88
CA PHE A 24 9.43 -3.83 2.68
C PHE A 24 10.28 -5.09 2.88
N LYS A 25 11.48 -4.91 3.42
CA LYS A 25 12.38 -6.05 3.64
C LYS A 25 11.77 -7.04 4.61
N LEU A 26 11.14 -6.54 5.68
CA LEU A 26 10.51 -7.42 6.66
C LEU A 26 9.35 -8.20 6.06
N GLY A 27 8.56 -7.56 5.19
CA GLY A 27 7.50 -8.29 4.52
C GLY A 27 8.03 -9.33 3.55
N ARG A 28 9.02 -8.95 2.75
CA ARG A 28 9.58 -9.87 1.76
C ARG A 28 10.36 -11.00 2.43
N TYR A 29 11.27 -10.66 3.33
CA TYR A 29 12.09 -11.68 3.99
C TYR A 29 11.27 -12.45 5.01
N GLY A 30 10.60 -11.73 5.90
CA GLY A 30 9.73 -12.40 6.86
C GLY A 30 8.71 -13.29 6.18
N GLY A 31 8.18 -12.85 5.04
CA GLY A 31 7.26 -13.71 4.31
C GLY A 31 7.91 -15.00 3.86
N TYR A 32 9.07 -14.89 3.21
CA TYR A 32 9.74 -16.07 2.67
C TYR A 32 10.08 -17.08 3.76
N VAL A 33 10.55 -16.61 4.92
CA VAL A 33 10.85 -17.50 6.03
C VAL A 33 9.62 -18.28 6.43
N LEU A 34 8.48 -17.59 6.51
CA LEU A 34 7.20 -18.22 6.80
C LEU A 34 6.51 -18.78 5.56
N ALA A 35 7.03 -18.51 4.36
CA ALA A 35 6.42 -18.96 3.11
C ALA A 35 7.16 -20.13 2.48
N HIS A 36 8.18 -20.67 3.15
CA HIS A 36 8.81 -21.88 2.65
C HIS A 36 8.06 -23.14 3.11
N ASN A 37 6.93 -22.98 3.79
CA ASN A 37 6.21 -24.13 4.33
C ASN A 37 4.78 -24.26 3.82
N LYS A 38 4.29 -23.32 3.01
CA LYS A 38 2.93 -23.45 2.45
C LYS A 38 2.88 -22.88 1.04
N GLY A 39 2.06 -23.52 0.20
CA GLY A 39 1.82 -22.98 -1.14
C GLY A 39 0.82 -21.84 -1.10
N GLU A 40 1.12 -20.80 -1.88
CA GLU A 40 0.37 -19.55 -1.95
C GLU A 40 0.05 -19.06 -0.54
N PRO A 43 1.05 -18.58 0.20
CA PRO A 43 0.84 -18.22 1.61
C PRO A 43 -0.27 -17.20 1.80
N ARG A 44 -0.99 -17.36 2.90
CA ARG A 44 -2.03 -16.42 3.33
C ARG A 44 -1.52 -15.68 4.55
N VAL A 45 -1.42 -14.36 4.47
CA VAL A 45 -0.91 -13.53 5.54
C VAL A 45 -1.89 -12.40 5.80
N LEU A 46 -2.12 -12.07 7.07
CA LEU A 46 -3.00 -10.96 7.44
C LEU A 46 -2.17 -9.91 8.17
N VAL A 47 -2.48 -8.64 7.90
CA VAL A 47 -1.74 -7.50 8.44
C VAL A 47 -2.71 -6.52 9.06
N GLY A 48 -2.42 -6.09 10.30
CA GLY A 48 -3.20 -5.07 10.97
C GLY A 48 -2.28 -3.99 11.51
N ARG A 49 -2.91 -2.93 12.03
CA ARG A 49 -2.13 -1.80 12.53
C ARG A 49 -2.97 -1.03 13.54
N ASP A 50 -2.31 -0.09 14.23
CA ASP A 50 -2.99 0.84 15.13
C ASP A 50 -3.25 2.17 14.42
N THR A 51 -3.48 3.23 15.19
CA THR A 51 -3.96 4.50 14.66
C THR A 51 -2.84 5.46 14.23
N ARG A 52 -1.57 5.10 14.40
CA ARG A 52 -0.50 6.02 14.01
C ARG A 52 -0.55 6.28 12.51
N VAL A 53 -0.33 7.56 12.14
CA VAL A 53 -0.25 7.93 10.74
C VAL A 53 0.84 7.14 10.01
N SER A 54 1.95 6.88 10.70
CA SER A 54 3.05 6.15 10.06
C SER A 54 2.67 4.71 9.75
N GLY A 55 1.62 4.18 10.37
CA GLY A 55 1.16 2.86 10.03
C GLY A 55 0.69 2.72 8.59
N GLU A 56 0.12 3.80 8.04
CA GLU A 56 -0.36 3.75 6.65
C GLU A 56 0.80 3.58 5.67
N MET A 57 1.88 4.32 5.86
CA MET A 57 3.02 4.22 4.95
C MET A 57 3.74 2.88 5.14
N LEU A 58 3.93 2.44 6.38
CA LEU A 58 4.61 1.19 6.64
C LEU A 58 3.81 0.00 6.15
N GLU A 59 2.48 0.05 6.28
CA GLU A 59 1.65 -1.06 5.82
C GLU A 59 1.79 -1.27 4.32
N SER A 60 1.68 -0.19 3.54
CA SER A 60 1.84 -0.31 2.09
C SER A 60 3.21 -0.86 1.71
N ALA A 61 4.25 -0.43 2.42
CA ALA A 61 5.58 -0.96 2.16
C ALA A 61 5.67 -2.44 2.53
N LEU A 62 5.09 -2.82 3.68
CA LEU A 62 5.10 -4.22 4.09
C LEU A 62 4.29 -5.09 3.13
N ILE A 63 3.09 -4.64 2.76
CA ILE A 63 2.23 -5.42 1.89
C ILE A 63 2.90 -5.68 0.54
N ALA A 64 3.58 -4.67 0.00
CA ALA A 64 4.33 -4.86 -1.24
C ALA A 64 5.34 -5.99 -1.10
N GLY A 65 6.02 -6.07 0.04
CA GLY A 65 6.97 -7.15 0.26
C GLY A 65 6.31 -8.52 0.29
N LEU A 66 5.16 -8.62 0.96
CA LEU A 66 4.45 -9.89 1.03
C LEU A 66 3.95 -10.31 -0.35
N ILE A 67 3.42 -9.36 -1.12
CA ILE A 67 2.91 -9.68 -2.46
C ILE A 67 4.06 -10.10 -3.38
N SER A 68 5.20 -9.42 -3.27
CA SER A 68 6.33 -9.69 -4.16
C SER A 68 6.83 -11.13 -4.07
N ILE A 69 6.45 -11.88 -3.04
CA ILE A 69 6.83 -13.29 -2.95
C ILE A 69 5.68 -14.21 -3.32
N GLY A 70 4.48 -13.69 -3.54
CA GLY A 70 3.33 -14.47 -3.91
C GLY A 70 2.30 -14.69 -2.83
N ALA A 71 2.40 -14.00 -1.70
CA ALA A 71 1.45 -14.23 -0.62
C ALA A 71 0.10 -13.58 -0.92
N GLU A 72 -0.93 -14.10 -0.29
CA GLU A 72 -2.28 -13.53 -0.34
C GLU A 72 -2.45 -12.66 0.91
N VAL A 73 -2.33 -11.36 0.71
CA VAL A 73 -2.39 -10.41 1.82
C VAL A 73 -3.83 -10.09 2.15
N MET A 74 -4.14 -10.01 3.44
CA MET A 74 -5.47 -9.67 3.92
C MET A 74 -5.35 -8.49 4.89
N ARG A 75 -5.71 -7.30 4.42
CA ARG A 75 -5.62 -6.09 5.21
C ARG A 75 -6.77 -6.03 6.21
N LEU A 76 -6.43 -6.03 7.50
CA LEU A 76 -7.45 -5.91 8.55
C LEU A 76 -7.75 -4.47 8.91
N GLY A 77 -6.93 -3.52 8.48
CA GLY A 77 -7.15 -2.15 8.90
C GLY A 77 -6.75 -1.95 10.35
N ILE A 78 -7.49 -1.09 11.04
CA ILE A 78 -7.22 -0.79 12.43
C ILE A 78 -7.80 -1.89 13.31
N ILE A 79 -6.93 -2.56 14.07
CA ILE A 79 -7.35 -3.64 14.96
C ILE A 79 -6.32 -3.72 16.07
N SER A 80 -6.71 -4.31 17.20
CA SER A 80 -5.79 -4.49 18.30
C SER A 80 -4.85 -5.66 18.02
N THR A 81 -3.67 -5.62 18.63
CA THR A 81 -2.71 -6.70 18.48
C THR A 81 -3.28 -8.08 18.82
N PRO A 82 -4.06 -8.26 19.89
CA PRO A 82 -4.66 -9.58 20.11
C PRO A 82 -5.56 -10.02 18.97
N GLY A 83 -6.29 -9.07 18.37
CA GLY A 83 -7.09 -9.39 17.20
C GLY A 83 -6.29 -10.08 16.11
N VAL A 84 -5.09 -9.56 15.82
CA VAL A 84 -4.23 -10.20 14.83
C VAL A 84 -3.88 -11.62 15.26
N ALA A 85 -3.50 -11.79 16.54
CA ALA A 85 -3.14 -13.11 17.04
C ALA A 85 -4.29 -14.09 16.92
N TYR A 86 -5.48 -13.69 17.37
CA TYR A 86 -6.64 -14.57 17.32
C TYR A 86 -7.00 -14.94 15.88
N LEU A 87 -7.08 -13.94 15.00
CA LEU A 87 -7.52 -14.18 13.64
C LEU A 87 -6.55 -15.09 12.89
N THR A 88 -5.25 -14.93 13.14
CA THR A 88 -4.25 -15.72 12.42
C THR A 88 -4.50 -17.22 12.55
N ARG A 89 -4.68 -17.70 13.79
CA ARG A 89 -4.94 -19.13 13.98
C ARG A 89 -6.35 -19.50 13.55
N ASP A 90 -7.33 -18.64 13.82
CA ASP A 90 -8.72 -18.96 13.51
C ASP A 90 -8.92 -19.09 12.01
N MET A 91 -8.25 -18.23 11.23
CA MET A 91 -8.31 -18.31 9.78
C MET A 91 -7.31 -19.32 9.22
N GLY A 92 -6.50 -19.95 10.06
CA GLY A 92 -5.49 -20.88 9.61
C GLY A 92 -4.39 -20.25 8.78
N ALA A 93 -4.07 -19.00 9.04
CA ALA A 93 -3.07 -18.29 8.25
C ALA A 93 -1.65 -18.61 8.68
N GLU A 94 -0.74 -18.50 7.73
CA GLU A 94 0.67 -18.81 7.96
C GLU A 94 1.33 -17.80 8.87
N LEU A 95 0.95 -16.52 8.78
CA LEU A 95 1.60 -15.50 9.57
C LEU A 95 0.67 -14.32 9.75
N GLY A 96 0.85 -13.62 10.86
CA GLY A 96 0.11 -12.39 11.13
C GLY A 96 1.08 -11.30 11.54
N VAL A 97 0.79 -10.08 11.09
CA VAL A 97 1.67 -8.95 11.36
C VAL A 97 0.85 -7.83 11.98
N MET A 98 1.39 -7.22 13.04
CA MET A 98 0.78 -6.07 13.70
C MET A 98 1.76 -4.92 13.66
N ILE A 99 1.32 -3.77 13.17
CA ILE A 99 2.14 -2.57 13.06
C ILE A 99 1.70 -1.61 14.15
N SER A 100 2.54 -1.46 15.17
CA SER A 100 2.22 -0.62 16.33
C SER A 100 3.47 -0.51 17.19
N ALA A 101 3.49 0.53 18.03
CA ALA A 101 4.53 0.71 19.04
C ALA A 101 3.97 0.67 20.45
N SER A 102 2.73 0.20 20.60
CA SER A 102 2.05 0.08 21.89
C SER A 102 1.98 1.46 22.53
N HIS A 103 2.39 1.64 23.79
CA HIS A 103 2.24 2.90 24.51
C HIS A 103 3.15 4.02 24.01
N ASN A 104 4.23 3.72 23.27
CA ASN A 104 5.17 4.75 22.82
C ASN A 104 4.45 5.86 22.04
N PRO A 105 5.01 7.07 22.00
CA PRO A 105 4.35 8.19 21.32
C PRO A 105 4.30 7.98 19.81
N VAL A 106 3.56 8.89 19.15
CA VAL A 106 3.19 8.73 17.74
C VAL A 106 4.42 8.59 16.86
N ALA A 107 5.50 9.30 17.17
CA ALA A 107 6.69 9.26 16.32
C ALA A 107 7.22 7.83 16.18
N ASP A 108 7.16 7.04 17.24
CA ASP A 108 7.65 5.67 17.20
C ASP A 108 6.63 4.75 16.54
N ASN A 109 7.14 3.66 15.96
CA ASN A 109 6.30 2.61 15.40
C ASN A 109 7.10 1.32 15.42
N GLY A 110 6.41 0.22 15.09
CA GLY A 110 7.07 -1.08 15.18
C GLY A 110 6.32 -2.13 14.39
N ILE A 111 6.98 -3.27 14.21
CA ILE A 111 6.45 -4.39 13.44
C ILE A 111 6.57 -5.64 14.28
N LYS A 112 5.45 -6.32 14.49
CA LYS A 112 5.37 -7.52 15.31
C LYS A 112 4.82 -8.66 14.46
N PHE A 113 5.36 -9.85 14.65
CA PHE A 113 4.90 -11.00 13.88
C PHE A 113 4.24 -12.02 14.79
N PHE A 114 3.31 -12.80 14.22
CA PHE A 114 2.63 -13.87 14.91
C PHE A 114 2.62 -15.12 14.05
N GLY A 115 2.87 -16.27 14.66
CA GLY A 115 2.86 -17.53 13.94
C GLY A 115 1.47 -18.08 13.76
N SER A 116 1.39 -19.18 12.98
CA SER A 116 0.10 -19.82 12.71
C SER A 116 -0.62 -20.24 13.97
N ASP A 117 0.11 -20.48 15.06
CA ASP A 117 -0.47 -20.87 16.33
C ASP A 117 -0.85 -19.69 17.21
N GLY A 118 -0.72 -18.46 16.71
CA GLY A 118 -1.03 -17.28 17.50
C GLY A 118 0.06 -16.84 18.44
N PHE A 119 1.25 -17.42 18.34
CA PHE A 119 2.38 -17.12 19.20
C PHE A 119 3.42 -16.29 18.45
N LYS A 120 4.31 -15.66 19.21
CA LYS A 120 5.37 -14.88 18.60
C LYS A 120 6.29 -15.82 17.82
N LEU A 121 7.17 -15.23 17.01
CA LEU A 121 8.00 -16.04 16.12
C LEU A 121 9.03 -16.83 16.90
N SER A 122 9.43 -17.96 16.33
CA SER A 122 10.54 -18.70 16.91
C SER A 122 11.84 -17.97 16.59
N ASP A 123 12.81 -18.09 17.49
CA ASP A 123 14.06 -17.36 17.34
C ASP A 123 14.86 -17.86 16.14
N GLU A 124 14.82 -19.17 15.86
CA GLU A 124 15.51 -19.67 14.68
C GLU A 124 15.00 -18.98 13.43
N GLN A 125 13.68 -18.77 13.35
CA GLN A 125 13.13 -18.02 12.22
C GLN A 125 13.45 -16.53 12.33
N GLU A 126 13.43 -15.98 13.54
CA GLU A 126 13.82 -14.58 13.72
C GLU A 126 15.23 -14.33 13.21
N ASN A 127 16.16 -15.22 13.56
CA ASN A 127 17.53 -15.09 13.09
C ASN A 127 17.61 -15.29 11.58
N GLU A 128 16.86 -16.25 11.03
CA GLU A 128 16.84 -16.43 9.59
C GLU A 128 16.40 -15.16 8.88
N ILE A 129 15.43 -14.44 9.46
CA ILE A 129 15.03 -13.17 8.88
C ILE A 129 16.19 -12.18 8.92
N GLU A 130 16.89 -12.13 10.06
CA GLU A 130 18.03 -11.22 10.19
C GLU A 130 19.19 -11.62 9.29
N ALA A 131 19.38 -12.93 9.06
CA ALA A 131 20.42 -13.37 8.15
C ALA A 131 20.17 -12.85 6.73
N LEU A 132 18.90 -12.85 6.32
CA LEU A 132 18.56 -12.27 5.03
C LEU A 132 18.81 -10.77 5.02
N LEU A 133 18.57 -10.11 6.15
CA LEU A 133 18.88 -8.69 6.29
C LEU A 133 20.36 -8.41 6.12
N ASP A 134 21.21 -9.34 6.52
CA ASP A 134 22.66 -9.13 6.41
C ASP A 134 23.11 -9.14 4.95
N GLN A 135 22.51 -10.00 4.14
CA GLN A 135 22.90 -10.09 2.73
C GLN A 135 22.58 -8.78 2.01
N GLU A 136 23.55 -8.28 1.25
CA GLU A 136 23.31 -7.11 0.43
C GLU A 136 22.32 -7.43 -0.70
N ASN A 137 22.49 -8.57 -1.35
CA ASN A 137 21.62 -9.00 -2.43
C ASN A 137 21.35 -10.50 -2.32
N PRO A 138 20.29 -10.89 -1.61
CA PRO A 138 19.93 -12.31 -1.56
C PRO A 138 18.97 -12.71 -2.68
N GLU A 139 19.26 -13.80 -3.37
CA GLU A 139 18.35 -14.32 -4.39
C GLU A 139 17.11 -14.91 -3.73
N LEU A 140 15.94 -14.54 -4.26
CA LEU A 140 14.67 -14.96 -3.69
C LEU A 140 13.67 -15.10 -4.83
N PRO A 141 12.56 -15.79 -4.62
CA PRO A 141 11.59 -15.95 -5.71
C PRO A 141 11.03 -14.61 -6.16
N ARG A 142 10.75 -14.51 -7.45
CA ARG A 142 10.20 -13.31 -8.06
C ARG A 142 9.03 -13.72 -8.95
N PRO A 143 7.90 -14.08 -8.35
CA PRO A 143 6.74 -14.50 -9.15
C PRO A 143 6.29 -13.39 -10.08
N VAL A 144 5.88 -13.78 -11.28
CA VAL A 144 5.47 -12.84 -12.32
C VAL A 144 4.17 -13.32 -12.95
N GLY A 145 3.46 -12.37 -13.56
CA GLY A 145 2.23 -12.71 -14.27
C GLY A 145 1.20 -13.34 -13.38
N ASN A 146 0.66 -14.47 -13.83
CA ASN A 146 -0.41 -15.17 -13.11
C ASN A 146 0.02 -15.61 -11.72
N ASP A 147 1.32 -15.69 -11.45
CA ASP A 147 1.79 -16.18 -10.16
C ASP A 147 1.47 -15.21 -9.03
N ILE A 148 1.31 -13.93 -9.33
CA ILE A 148 0.98 -12.95 -8.30
C ILE A 148 -0.51 -13.02 -7.98
N VAL A 149 -0.84 -12.81 -6.70
CA VAL A 149 -2.20 -12.96 -6.22
C VAL A 149 -2.77 -11.58 -5.89
N HIS A 150 -4.09 -11.48 -5.92
CA HIS A 150 -4.78 -10.27 -5.51
C HIS A 150 -4.91 -10.28 -3.99
N TYR A 151 -4.59 -9.15 -3.36
CA TYR A 151 -4.87 -9.03 -1.95
C TYR A 151 -6.36 -8.69 -1.77
N SER A 152 -6.82 -8.80 -0.53
CA SER A 152 -8.22 -8.51 -0.23
C SER A 152 -8.28 -7.73 1.07
N ASP A 153 -9.36 -6.97 1.21
CA ASP A 153 -9.63 -6.19 2.41
C ASP A 153 -10.61 -6.99 3.25
N TYR A 154 -10.21 -7.32 4.47
CA TYR A 154 -11.01 -8.16 5.35
C TYR A 154 -11.58 -7.30 6.48
N PHE A 155 -12.55 -6.47 6.11
CA PHE A 155 -13.19 -5.59 7.08
C PHE A 155 -13.95 -6.39 8.14
N GLU A 156 -14.36 -7.62 7.81
CA GLU A 156 -15.10 -8.46 8.75
C GLU A 156 -14.27 -8.82 9.97
N GLY A 157 -12.94 -8.89 9.82
CA GLY A 157 -12.09 -9.38 10.89
C GLY A 157 -12.32 -8.70 12.22
N ALA A 158 -12.51 -7.38 12.21
CA ALA A 158 -12.70 -6.65 13.46
C ALA A 158 -13.92 -7.14 14.21
N GLN A 159 -15.06 -7.26 13.53
CA GLN A 159 -16.26 -7.75 14.21
C GLN A 159 -16.20 -9.25 14.45
N LYS A 160 -15.54 -10.00 13.57
CA LYS A 160 -15.34 -11.43 13.84
C LYS A 160 -14.53 -11.61 15.13
N TYR A 161 -13.53 -10.76 15.34
CA TYR A 161 -12.79 -10.75 16.60
C TYR A 161 -13.68 -10.34 17.77
N LEU A 162 -14.50 -9.30 17.57
CA LEU A 162 -15.37 -8.83 18.64
C LEU A 162 -16.41 -9.86 19.02
N SER A 163 -17.00 -10.55 18.03
CA SER A 163 -17.98 -11.59 18.34
C SER A 163 -17.36 -12.71 19.17
N TYR A 164 -16.10 -13.06 18.88
CA TYR A 164 -15.42 -14.05 19.70
C TYR A 164 -15.24 -13.57 21.14
N LEU A 165 -14.88 -12.31 21.32
CA LEU A 165 -14.77 -11.75 22.66
C LEU A 165 -16.11 -11.79 23.39
N LYS A 166 -17.19 -11.45 22.68
CA LYS A 166 -18.51 -11.52 23.28
C LYS A 166 -18.86 -12.94 23.71
N SER A 167 -18.38 -13.95 22.97
CA SER A 167 -18.69 -15.33 23.30
C SER A 167 -18.09 -15.77 24.63
N THR A 168 -16.98 -15.15 25.06
CA THR A 168 -16.30 -15.63 26.26
C THR A 168 -17.08 -15.35 27.54
N VAL A 169 -17.81 -14.23 27.59
CA VAL A 169 -18.60 -13.91 28.77
C VAL A 169 -20.00 -14.51 28.59
N ASP A 170 -20.63 -14.85 29.71
CA ASP A 170 -21.92 -15.53 29.72
C ASP A 170 -23.05 -14.67 30.27
N VAL A 171 -22.83 -13.38 30.46
CA VAL A 171 -23.85 -12.50 31.02
C VAL A 171 -23.66 -11.12 30.43
N ASN A 172 -24.74 -10.35 30.35
CA ASN A 172 -24.67 -8.99 29.86
C ASN A 172 -24.28 -8.04 31.00
N PHE A 173 -24.01 -6.80 30.65
CA PHE A 173 -23.54 -5.82 31.63
C PHE A 173 -24.60 -4.78 32.00
N GLU A 174 -25.88 -5.07 31.79
CA GLU A 174 -26.90 -4.08 32.11
C GLU A 174 -26.87 -3.78 33.61
N GLY A 175 -27.11 -2.52 33.96
CA GLY A 175 -26.99 -2.08 35.32
C GLY A 175 -25.60 -1.63 35.71
N LEU A 176 -24.63 -1.77 34.80
CA LEU A 176 -23.26 -1.33 35.03
C LEU A 176 -22.98 -0.10 34.20
N LYS A 177 -22.34 0.89 34.81
CA LYS A 177 -21.88 2.09 34.13
C LYS A 177 -20.36 2.04 34.07
N ILE A 178 -19.81 2.05 32.85
CA ILE A 178 -18.39 1.85 32.63
C ILE A 178 -17.82 3.02 31.85
N ALA A 179 -16.68 3.53 32.29
CA ALA A 179 -15.93 4.54 31.57
C ALA A 179 -14.76 3.88 30.85
N LEU A 180 -14.51 4.30 29.61
CA LEU A 180 -13.50 3.66 28.79
C LEU A 180 -12.55 4.71 28.22
N ASP A 181 -11.26 4.37 28.18
CA ASP A 181 -10.25 5.17 27.51
C ASP A 181 -9.58 4.29 26.47
N GLY A 182 -9.68 4.68 25.20
CA GLY A 182 -9.07 3.91 24.15
C GLY A 182 -7.66 4.33 23.80
N ALA A 183 -7.12 5.33 24.51
CA ALA A 183 -5.78 5.86 24.29
C ALA A 183 -5.62 6.42 22.89
N ASN A 184 -6.74 6.72 22.23
CA ASN A 184 -6.74 7.16 20.83
C ASN A 184 -6.08 6.11 19.94
N GLY A 185 -6.19 4.85 20.36
CA GLY A 185 -5.54 3.74 19.72
C GLY A 185 -6.52 2.77 19.10
N SER A 186 -6.01 1.57 18.81
CA SER A 186 -6.83 0.56 18.12
C SER A 186 -8.11 0.24 18.87
N THR A 187 -8.11 0.34 20.20
CA THR A 187 -9.33 0.08 20.97
C THR A 187 -10.38 1.15 20.78
N SER A 188 -10.03 2.32 20.23
CA SER A 188 -10.98 3.43 20.13
C SER A 188 -12.25 3.00 19.39
N SER A 189 -12.10 2.17 18.37
CA SER A 189 -13.24 1.71 17.58
C SER A 189 -13.80 0.38 18.07
N LEU A 190 -13.15 -0.29 19.03
CA LEU A 190 -13.57 -1.60 19.48
C LEU A 190 -14.22 -1.60 20.85
N ALA A 191 -13.62 -0.93 21.83
CA ALA A 191 -14.17 -0.96 23.18
C ALA A 191 -15.55 -0.31 23.29
N PRO A 192 -15.86 0.83 22.67
CA PRO A 192 -17.22 1.38 22.79
C PRO A 192 -18.29 0.44 22.26
N PHE A 193 -18.04 -0.21 21.12
CA PHE A 193 -19.03 -1.14 20.59
C PHE A 193 -19.12 -2.39 21.46
N LEU A 194 -17.98 -2.91 21.90
CA LEU A 194 -17.97 -4.19 22.61
C LEU A 194 -18.78 -4.10 23.91
N PHE A 195 -18.54 -3.06 24.70
CA PHE A 195 -19.27 -2.91 25.95
C PHE A 195 -20.69 -2.38 25.73
N GLY A 196 -20.88 -1.51 24.75
CA GLY A 196 -22.22 -1.04 24.45
C GLY A 196 -23.14 -2.15 23.99
N ASP A 197 -22.61 -3.09 23.19
CA ASP A 197 -23.42 -4.21 22.73
C ASP A 197 -23.81 -5.14 23.86
N LEU A 198 -23.02 -5.19 24.93
CA LEU A 198 -23.32 -6.01 26.10
C LEU A 198 -24.24 -5.31 27.08
N GLU A 199 -24.91 -4.25 26.65
CA GLU A 199 -25.95 -3.50 27.34
C GLU A 199 -25.39 -2.57 28.42
N ALA A 200 -24.07 -2.46 28.56
CA ALA A 200 -23.50 -1.53 29.52
C ALA A 200 -23.64 -0.09 29.02
N ASP A 201 -23.96 0.81 29.93
CA ASP A 201 -23.93 2.23 29.61
C ASP A 201 -22.50 2.70 29.69
N THR A 202 -22.08 3.48 28.70
CA THR A 202 -20.67 3.82 28.52
C THR A 202 -20.45 5.33 28.53
N GLU A 203 -19.33 5.72 29.12
CA GLU A 203 -18.80 7.07 29.07
C GLU A 203 -17.40 6.95 28.47
N THR A 204 -17.12 7.71 27.42
CA THR A 204 -15.87 7.48 26.70
C THR A 204 -15.01 8.72 26.64
N ILE A 205 -13.69 8.45 26.61
CA ILE A 205 -12.65 9.43 26.40
C ILE A 205 -11.54 8.72 25.65
N GLY A 206 -10.68 9.49 24.99
CA GLY A 206 -9.61 8.85 24.26
C GLY A 206 -10.07 8.02 23.08
N CYS A 207 -11.28 8.26 22.59
CA CYS A 207 -11.82 7.52 21.46
C CYS A 207 -12.00 8.40 20.23
N SER A 208 -11.12 9.39 20.06
CA SER A 208 -11.16 10.29 18.91
C SER A 208 -9.76 10.37 18.30
N PRO A 209 -9.30 9.29 17.66
CA PRO A 209 -7.95 9.30 17.09
C PRO A 209 -7.87 10.17 15.83
N ASP A 210 -6.71 10.82 15.65
CA ASP A 210 -6.47 11.63 14.47
C ASP A 210 -5.17 11.28 13.76
N GLY A 211 -4.51 10.19 14.16
CA GLY A 211 -3.26 9.78 13.56
C GLY A 211 -2.02 10.33 14.25
N TYR A 212 -2.16 11.32 15.12
CA TYR A 212 -1.03 11.90 15.83
C TYR A 212 -1.19 11.91 17.35
N ASN A 213 -2.33 11.50 17.88
CA ASN A 213 -2.64 11.67 19.30
C ASN A 213 -2.65 10.36 20.07
N ILE A 214 -2.08 9.29 19.51
CA ILE A 214 -2.09 8.02 20.23
C ILE A 214 -1.27 8.15 21.50
N ASN A 215 -1.83 7.63 22.59
CA ASN A 215 -1.15 7.57 23.88
C ASN A 215 -0.73 8.96 24.38
N GLU A 216 -1.51 9.98 24.02
CA GLU A 216 -1.22 11.36 24.40
C GLU A 216 -2.09 11.69 25.61
N LYS A 217 -1.46 11.70 26.79
CA LYS A 217 -2.16 11.95 28.04
C LYS A 217 -3.41 11.08 28.16
N CYS A 218 -3.27 9.82 27.73
CA CYS A 218 -4.34 8.86 27.87
C CYS A 218 -3.78 7.46 27.70
N GLY A 219 -4.61 6.47 28.05
CA GLY A 219 -4.21 5.09 27.97
C GLY A 219 -3.88 4.51 29.33
N SER A 220 -3.40 3.25 29.30
CA SER A 220 -2.99 2.59 30.54
C SER A 220 -1.83 3.33 31.20
N THR A 221 -0.93 3.91 30.40
CA THR A 221 0.22 4.61 30.95
C THR A 221 -0.19 5.86 31.73
N HIS A 222 -1.26 6.53 31.29
CA HIS A 222 -1.77 7.75 31.93
C HIS A 222 -3.23 7.51 32.28
N PRO A 223 -3.54 7.04 33.48
CA PRO A 223 -4.94 6.84 33.87
C PRO A 223 -5.63 7.99 34.60
N GLU A 224 -4.97 9.14 34.81
CA GLU A 224 -5.53 10.20 35.65
C GLU A 224 -6.87 10.72 35.12
N LYS A 225 -6.87 11.24 33.88
CA LYS A 225 -8.11 11.72 33.25
C LYS A 225 -9.25 10.68 33.31
N LEU A 226 -8.92 9.39 33.25
CA LEU A 226 -9.95 8.37 33.33
C LEU A 226 -10.54 8.33 34.73
N ALA A 227 -9.68 8.31 35.74
CA ALA A 227 -10.15 8.37 37.12
C ALA A 227 -10.96 9.64 37.34
N GLU A 228 -10.52 10.75 36.74
CA GLU A 228 -11.31 11.97 36.76
C GLU A 228 -12.70 11.75 36.20
N LYS A 229 -12.80 11.04 35.06
CA LYS A 229 -14.10 10.82 34.44
C LYS A 229 -14.97 9.88 35.26
N VAL A 230 -14.38 8.82 35.83
CA VAL A 230 -15.16 7.84 36.59
C VAL A 230 -15.87 8.51 37.76
N VAL A 231 -15.16 9.35 38.50
CA VAL A 231 -15.77 10.05 39.61
C VAL A 231 -16.79 11.08 39.11
N GLU A 232 -16.45 11.77 38.02
CA GLU A 232 -17.33 12.83 37.51
C GLU A 232 -18.68 12.26 37.09
N THR A 233 -18.68 11.16 36.35
CA THR A 233 -19.90 10.51 35.89
C THR A 233 -20.52 9.57 36.90
N GLU A 234 -19.89 9.37 38.06
CA GLU A 234 -20.36 8.41 39.06
C GLU A 234 -20.56 7.04 38.43
N SER A 235 -19.57 6.61 37.66
CA SER A 235 -19.62 5.31 37.02
C SER A 235 -19.20 4.22 38.00
N ASP A 236 -19.60 2.99 37.71
CA ASP A 236 -19.28 1.88 38.59
C ASP A 236 -17.78 1.57 38.57
N PHE A 237 -17.15 1.64 37.39
CA PHE A 237 -15.70 1.50 37.27
C PHE A 237 -15.29 1.96 35.88
N GLY A 238 -13.98 2.06 35.69
CA GLY A 238 -13.44 2.48 34.40
C GLY A 238 -12.27 1.62 34.00
N LEU A 239 -12.07 1.50 32.69
CA LEU A 239 -11.00 0.69 32.11
C LEU A 239 -10.19 1.51 31.11
N ALA A 240 -8.88 1.39 31.18
CA ALA A 240 -7.96 2.09 30.28
C ALA A 240 -7.13 1.08 29.52
N PHE A 241 -6.96 1.32 28.22
CA PHE A 241 -6.23 0.44 27.33
C PHE A 241 -5.05 1.19 26.75
N ASP A 242 -4.10 0.45 26.16
CA ASP A 242 -2.96 1.09 25.55
C ASP A 242 -3.13 1.14 24.03
N GLY A 243 -2.12 1.68 23.34
CA GLY A 243 -2.25 1.96 21.92
C GLY A 243 -2.60 0.73 21.09
N ASP A 244 -1.96 -0.40 21.36
CA ASP A 244 -2.20 -1.62 20.61
C ASP A 244 -3.10 -2.61 21.33
N GLY A 245 -3.63 -2.25 22.50
CA GLY A 245 -4.66 -3.04 23.15
C GLY A 245 -4.26 -4.37 23.73
N ASP A 246 -3.01 -4.53 24.16
CA ASP A 246 -2.59 -5.75 24.86
C ASP A 246 -2.52 -5.57 26.36
N ARG A 247 -2.70 -4.35 26.87
CA ARG A 247 -2.65 -4.07 28.31
C ARG A 247 -3.93 -3.36 28.73
N ILE A 248 -4.26 -3.50 30.02
CA ILE A 248 -5.41 -2.82 30.60
C ILE A 248 -5.08 -2.41 32.03
N ILE A 249 -5.50 -1.19 32.40
CA ILE A 249 -5.45 -0.70 33.77
C ILE A 249 -6.84 -0.18 34.12
N ALA A 250 -7.29 -0.49 35.34
CA ALA A 250 -8.66 -0.22 35.74
C ALA A 250 -8.72 0.85 36.83
N VAL A 251 -9.89 1.45 36.97
CA VAL A 251 -10.18 2.46 37.99
C VAL A 251 -11.46 2.07 38.70
N ASP A 252 -11.45 2.13 40.03
CA ASP A 252 -12.64 1.74 40.79
C ASP A 252 -13.64 2.90 40.87
N GLU A 253 -14.71 2.70 41.64
CA GLU A 253 -15.78 3.68 41.68
C GLU A 253 -15.35 4.98 42.33
N ASN A 254 -14.26 4.96 43.10
CA ASN A 254 -13.82 6.12 43.86
C ASN A 254 -12.64 6.82 43.20
N GLY A 255 -12.14 6.30 42.08
CA GLY A 255 -11.02 6.88 41.40
C GLY A 255 -9.67 6.28 41.75
N GLN A 256 -9.63 5.28 42.63
CA GLN A 256 -8.37 4.60 42.90
C GLN A 256 -8.02 3.70 41.73
N ILE A 257 -6.73 3.46 41.54
CA ILE A 257 -6.22 2.74 40.38
C ILE A 257 -6.02 1.27 40.75
N VAL A 258 -6.43 0.39 39.84
CA VAL A 258 -6.31 -1.06 40.02
C VAL A 258 -5.29 -1.55 39.00
N ASP A 259 -4.16 -2.05 39.49
CA ASP A 259 -3.08 -2.47 38.61
C ASP A 259 -3.33 -3.89 38.09
N GLY A 260 -2.37 -4.39 37.30
CA GLY A 260 -2.51 -5.72 36.73
C GLY A 260 -2.53 -6.83 37.78
N ASP A 261 -1.78 -6.65 38.87
CA ASP A 261 -1.76 -7.67 39.92
C ASP A 261 -3.15 -7.84 40.53
N GLN A 262 -3.80 -6.73 40.89
CA GLN A 262 -5.14 -6.82 41.46
C GLN A 262 -6.12 -7.40 40.45
N ILE A 263 -6.06 -6.95 39.20
CA ILE A 263 -6.92 -7.50 38.17
C ILE A 263 -6.64 -9.00 37.98
N MET A 264 -5.37 -9.38 37.97
CA MET A 264 -5.02 -10.79 37.87
C MET A 264 -5.57 -11.58 39.05
N PHE A 265 -5.50 -11.00 40.25
CA PHE A 265 -6.01 -11.67 41.44
C PHE A 265 -7.52 -11.86 41.37
N ILE A 266 -8.24 -10.80 40.99
CA ILE A 266 -9.71 -10.88 40.94
C ILE A 266 -10.14 -11.97 39.97
N ILE A 267 -9.55 -12.00 38.78
CA ILE A 267 -9.92 -12.97 37.78
C ILE A 267 -9.48 -14.37 38.18
N GLY A 268 -8.25 -14.51 38.69
CA GLY A 268 -7.78 -15.81 39.14
C GLY A 268 -8.56 -16.33 40.34
N GLN A 269 -9.01 -15.44 41.21
CA GLN A 269 -9.87 -15.84 42.32
C GLN A 269 -11.13 -16.52 41.82
N GLU A 270 -11.82 -15.89 40.86
CA GLU A 270 -13.06 -16.45 40.34
C GLU A 270 -12.80 -17.77 39.59
N MET A 271 -11.73 -17.81 38.79
CA MET A 271 -11.38 -19.05 38.11
C MET A 271 -11.14 -20.16 39.13
N HIS A 272 -10.53 -19.82 40.26
CA HIS A 272 -10.23 -20.81 41.29
C HIS A 272 -11.51 -21.39 41.88
N LYS A 273 -12.47 -20.52 42.25
CA LYS A 273 -13.72 -21.00 42.83
C LYS A 273 -14.45 -21.94 41.90
N ASN A 274 -14.47 -21.61 40.61
CA ASN A 274 -15.13 -22.42 39.61
C ASN A 274 -14.30 -23.62 39.18
N GLN A 275 -13.07 -23.74 39.69
CA GLN A 275 -12.18 -24.86 39.38
C GLN A 275 -11.76 -24.88 37.91
N GLU A 276 -11.74 -23.70 37.29
CA GLU A 276 -11.25 -23.54 35.93
C GLU A 276 -9.79 -23.10 35.88
N LEU A 277 -9.22 -22.69 37.00
CA LEU A 277 -7.81 -22.35 37.06
C LEU A 277 -6.97 -23.62 36.96
N ASN A 278 -6.10 -23.69 35.95
CA ASN A 278 -5.30 -24.89 35.73
C ASN A 278 -4.21 -25.01 36.79
N ASN A 279 -4.18 -26.17 37.46
CA ASN A 279 -3.18 -26.49 38.49
C ASN A 279 -3.20 -25.52 39.66
N ASP A 280 -4.30 -24.77 39.79
CA ASP A 280 -4.49 -23.82 40.90
C ASP A 280 -3.32 -22.85 41.02
N MET A 281 -2.77 -22.44 39.88
CA MET A 281 -1.60 -21.58 39.87
C MET A 281 -1.78 -20.45 38.87
N ILE A 282 -1.07 -19.35 39.13
CA ILE A 282 -1.05 -18.18 38.29
C ILE A 282 0.41 -17.82 38.01
N VAL A 283 0.74 -17.63 36.74
CA VAL A 283 2.09 -17.23 36.33
C VAL A 283 2.18 -15.71 36.37
N SER A 284 3.33 -15.21 36.78
CA SER A 284 3.53 -13.77 36.86
C SER A 284 5.04 -13.50 36.93
N THR A 285 5.39 -12.22 36.77
CA THR A 285 6.76 -11.80 36.90
C THR A 285 7.03 -11.39 38.34
N VAL A 286 8.31 -11.45 38.73
CA VAL A 286 8.69 -11.12 40.10
C VAL A 286 8.36 -9.66 40.42
N MET A 287 8.26 -8.80 39.41
CA MET A 287 7.97 -7.39 39.65
C MET A 287 6.63 -7.18 40.35
N SER A 288 5.75 -8.17 40.31
CA SER A 288 4.46 -8.07 40.98
C SER A 288 4.65 -7.90 42.48
N ASN A 289 3.74 -7.15 43.10
CA ASN A 289 3.90 -6.74 44.48
C ASN A 289 3.77 -7.92 45.44
N LEU A 290 4.40 -7.78 46.61
CA LEU A 290 4.35 -8.85 47.61
C LEU A 290 2.93 -9.14 48.08
N GLY A 291 2.11 -8.09 48.25
CA GLY A 291 0.73 -8.29 48.64
C GLY A 291 -0.02 -9.23 47.71
N PHE A 292 0.32 -9.19 46.42
CA PHE A 292 -0.27 -10.10 45.45
C PHE A 292 0.04 -11.56 45.80
N TYR A 293 1.29 -11.83 46.19
CA TYR A 293 1.67 -13.21 46.51
C TYR A 293 1.01 -13.69 47.79
N LYS A 294 0.90 -12.83 48.80
CA LYS A 294 0.28 -13.25 50.05
C LYS A 294 -1.21 -13.50 49.87
N ALA A 295 -1.89 -12.66 49.08
CA ALA A 295 -3.32 -12.89 48.82
C ALA A 295 -3.54 -14.23 48.12
N LEU A 296 -2.65 -14.60 47.20
CA LEU A 296 -2.72 -15.90 46.56
C LEU A 296 -2.51 -17.03 47.55
N GLU A 297 -1.68 -16.81 48.57
CA GLU A 297 -1.47 -17.84 49.58
C GLU A 297 -2.70 -18.02 50.45
N GLN A 298 -3.37 -16.93 50.80
CA GLN A 298 -4.61 -17.01 51.57
C GLN A 298 -5.69 -17.78 50.80
N GLU A 299 -5.82 -17.52 49.50
CA GLU A 299 -6.80 -18.20 48.66
C GLU A 299 -6.38 -19.61 48.26
N GLY A 300 -5.19 -20.04 48.67
CA GLY A 300 -4.72 -21.36 48.28
C GLY A 300 -4.40 -21.51 46.82
N ILE A 301 -3.74 -20.51 46.23
CA ILE A 301 -3.37 -20.51 44.82
C ILE A 301 -1.85 -20.49 44.76
N LYS A 302 -1.25 -21.50 44.16
CA LYS A 302 0.21 -21.53 44.03
C LYS A 302 0.65 -20.43 43.06
N SER A 303 1.81 -19.84 43.36
CA SER A 303 2.32 -18.73 42.58
C SER A 303 3.64 -19.13 41.91
N ASN A 304 3.78 -18.78 40.64
CA ASN A 304 4.99 -19.04 39.88
C ASN A 304 5.56 -17.71 39.40
N LYS A 305 6.83 -17.47 39.73
CA LYS A 305 7.51 -16.24 39.36
C LYS A 305 8.50 -16.51 38.23
N THR A 306 8.59 -15.55 37.31
CA THR A 306 9.47 -15.66 36.16
C THR A 306 10.16 -14.32 35.94
N LYS A 307 11.19 -14.33 35.11
CA LYS A 307 11.90 -13.12 34.78
C LYS A 307 10.95 -12.12 34.11
N VAL A 308 11.34 -10.84 34.14
CA VAL A 308 10.49 -9.79 33.59
C VAL A 308 10.39 -9.93 32.08
N GLY A 309 9.19 -9.72 31.53
CA GLY A 309 8.96 -9.78 30.10
C GLY A 309 7.84 -10.69 29.68
N ASP A 310 7.09 -10.29 28.64
CA ASP A 310 6.00 -11.12 28.13
C ASP A 310 6.53 -12.48 27.67
N ARG A 311 7.74 -12.50 27.11
CA ARG A 311 8.32 -13.73 26.57
C ARG A 311 8.32 -14.84 27.61
N TYR A 312 8.63 -14.51 28.87
CA TYR A 312 8.85 -15.53 29.88
C TYR A 312 7.54 -15.99 30.52
N VAL A 313 6.59 -15.08 30.73
CA VAL A 313 5.29 -15.49 31.24
C VAL A 313 4.64 -16.49 30.28
N VAL A 314 4.55 -16.12 29.00
CA VAL A 314 3.93 -17.00 28.02
C VAL A 314 4.77 -18.26 27.84
N GLU A 315 6.10 -18.14 27.92
CA GLU A 315 6.95 -19.32 27.83
C GLU A 315 6.65 -20.31 28.95
N GLU A 316 6.54 -19.81 30.18
CA GLU A 316 6.26 -20.69 31.31
C GLU A 316 4.87 -21.30 31.21
N MET A 317 3.87 -20.52 30.78
CA MET A 317 2.51 -21.04 30.70
C MET A 317 2.41 -22.18 29.69
N ARG A 318 3.09 -22.08 28.56
CA ARG A 318 3.04 -23.15 27.58
C ARG A 318 3.72 -24.41 28.08
N ARG A 319 4.80 -24.26 28.86
CA ARG A 319 5.58 -25.43 29.29
C ARG A 319 4.74 -26.37 30.14
N GLY A 320 4.04 -25.84 31.13
CA GLY A 320 3.16 -26.58 32.01
C GLY A 320 1.68 -26.57 31.66
N ASN A 321 1.27 -25.87 30.60
CA ASN A 321 -0.14 -25.76 30.20
C ASN A 321 -0.96 -25.07 31.28
N TYR A 322 -0.53 -23.86 31.66
CA TYR A 322 -1.27 -23.01 32.58
C TYR A 322 -2.16 -22.06 31.79
N ASN A 323 -3.37 -21.83 32.30
CA ASN A 323 -4.34 -21.01 31.58
C ASN A 323 -4.35 -19.53 31.97
N LEU A 324 -3.67 -19.13 33.05
CA LEU A 324 -3.69 -17.73 33.46
C LEU A 324 -2.29 -17.25 33.82
N GLY A 325 -1.91 -16.09 33.28
CA GLY A 325 -0.65 -15.46 33.63
C GLY A 325 -0.62 -14.04 33.12
N GLY A 326 0.25 -13.23 33.72
CA GLY A 326 0.33 -11.84 33.33
C GLY A 326 1.39 -11.08 34.08
N GLU A 327 1.42 -9.78 33.85
CA GLU A 327 2.34 -8.84 34.48
C GLU A 327 1.58 -7.76 35.23
N GLN A 328 2.30 -7.06 36.10
CA GLN A 328 1.69 -5.95 36.83
C GLN A 328 1.30 -4.82 35.90
N SER A 329 2.04 -4.62 34.82
CA SER A 329 1.78 -3.51 33.90
C SER A 329 0.39 -3.55 33.30
N GLY A 330 -0.29 -4.70 33.36
CA GLY A 330 -1.59 -4.86 32.76
C GLY A 330 -1.62 -5.83 31.59
N HIS A 331 -0.47 -6.39 31.22
CA HIS A 331 -0.40 -7.37 30.14
C HIS A 331 -0.76 -8.72 30.74
N ILE A 332 -1.99 -9.16 30.51
CA ILE A 332 -2.53 -10.36 31.14
C ILE A 332 -2.97 -11.33 30.05
N VAL A 333 -2.68 -12.61 30.25
CA VAL A 333 -2.95 -13.64 29.24
C VAL A 333 -3.90 -14.66 29.84
N MET A 334 -4.97 -14.97 29.10
CA MET A 334 -5.93 -16.01 29.45
C MET A 334 -5.84 -17.06 28.36
N MET A 335 -5.14 -18.16 28.64
CA MET A 335 -4.83 -19.13 27.61
C MET A 335 -6.07 -19.76 26.99
N ASP A 336 -7.13 -19.96 27.77
CA ASP A 336 -8.34 -20.58 27.25
C ASP A 336 -8.96 -19.78 26.11
N TYR A 337 -8.67 -18.48 26.01
CA TYR A 337 -9.31 -17.65 24.99
C TYR A 337 -8.33 -17.07 23.98
N ASN A 338 -7.16 -16.59 24.40
CA ASN A 338 -6.21 -15.99 23.49
C ASN A 338 -4.79 -16.43 23.84
N THR A 339 -3.89 -16.26 22.87
CA THR A 339 -2.50 -16.68 22.99
C THR A 339 -1.55 -15.54 23.33
N THR A 340 -2.07 -14.35 23.60
CA THR A 340 -1.25 -13.20 23.95
C THR A 340 -2.02 -12.31 24.91
N GLY A 341 -1.34 -11.29 25.42
CA GLY A 341 -2.00 -10.34 26.30
C GLY A 341 -3.07 -9.57 25.58
N ASP A 342 -4.28 -9.54 26.14
CA ASP A 342 -5.43 -8.92 25.51
C ASP A 342 -6.14 -8.04 26.54
N GLY A 343 -6.06 -6.73 26.34
CA GLY A 343 -6.73 -5.82 27.27
C GLY A 343 -8.24 -5.90 27.18
N LEU A 344 -8.78 -6.02 25.96
CA LEU A 344 -10.23 -6.09 25.79
C LEU A 344 -10.80 -7.34 26.47
N LEU A 345 -10.20 -8.49 26.19
CA LEU A 345 -10.65 -9.73 26.82
C LEU A 345 -10.56 -9.64 28.34
N THR A 346 -9.41 -9.19 28.85
CA THR A 346 -9.24 -9.04 30.29
C THR A 346 -10.25 -8.07 30.88
N GLY A 347 -10.57 -7.01 30.14
CA GLY A 347 -11.55 -6.04 30.64
C GLY A 347 -12.93 -6.61 30.82
N ILE A 348 -13.44 -7.32 29.81
CA ILE A 348 -14.79 -7.90 29.93
C ILE A 348 -14.81 -8.99 30.99
N GLN A 349 -13.75 -9.80 31.06
CA GLN A 349 -13.72 -10.85 32.07
C GLN A 349 -13.75 -10.27 33.47
N LEU A 350 -13.09 -9.13 33.67
CA LEU A 350 -13.18 -8.42 34.95
C LEU A 350 -14.60 -7.93 35.20
N ALA A 351 -15.21 -7.30 34.19
CA ALA A 351 -16.58 -6.82 34.34
C ALA A 351 -17.53 -7.97 34.63
N SER A 352 -17.27 -9.15 34.05
CA SER A 352 -18.10 -10.31 34.34
C SER A 352 -18.08 -10.64 35.82
N VAL A 353 -16.91 -10.58 36.45
CA VAL A 353 -16.80 -10.85 37.89
C VAL A 353 -17.62 -9.83 38.68
N ILE A 354 -17.58 -8.56 38.28
CA ILE A 354 -18.33 -7.53 38.99
C ILE A 354 -19.83 -7.80 38.89
N LYS A 355 -20.29 -8.24 37.71
CA LYS A 355 -21.71 -8.52 37.50
C LYS A 355 -22.19 -9.69 38.35
N MET A 356 -21.43 -10.79 38.35
CA MET A 356 -21.86 -12.00 39.05
C MET A 356 -21.90 -11.79 40.57
N THR A 357 -20.83 -11.21 41.14
CA THR A 357 -20.75 -11.09 42.58
C THR A 357 -21.69 -10.03 43.15
N GLY A 358 -22.00 -9.00 42.36
CA GLY A 358 -22.76 -7.89 42.91
C GLY A 358 -21.95 -6.99 43.80
N LYS A 359 -20.63 -7.11 43.75
CA LYS A 359 -19.74 -6.27 44.53
C LYS A 359 -19.35 -5.05 43.69
N SER A 360 -18.42 -4.26 44.22
CA SER A 360 -17.83 -3.14 43.52
C SER A 360 -16.35 -3.44 43.29
N LEU A 361 -15.72 -2.65 42.42
CA LEU A 361 -14.31 -2.90 42.11
C LEU A 361 -13.43 -2.67 43.33
N SER A 362 -13.71 -1.60 44.10
CA SER A 362 -12.89 -1.28 45.27
C SER A 362 -12.91 -2.42 46.28
N GLU A 363 -14.03 -3.12 46.41
CA GLU A 363 -14.10 -4.25 47.33
C GLU A 363 -13.34 -5.46 46.80
N LEU A 364 -13.52 -5.76 45.52
CA LEU A 364 -12.81 -6.89 44.92
C LEU A 364 -11.31 -6.62 44.85
N ALA A 365 -10.93 -5.39 44.48
CA ALA A 365 -9.52 -5.03 44.43
C ALA A 365 -8.93 -4.89 45.82
N GLY A 366 -9.72 -4.43 46.80
CA GLY A 366 -9.26 -4.28 48.17
C GLY A 366 -8.87 -5.56 48.85
N GLN A 367 -9.12 -6.72 48.24
CA GLN A 367 -8.77 -7.99 48.85
C GLN A 367 -7.27 -8.14 49.07
N MET A 368 -6.44 -7.39 48.36
CA MET A 368 -5.00 -7.44 48.57
C MET A 368 -4.47 -6.02 48.73
N LYS A 369 -3.60 -5.84 49.72
CA LYS A 369 -2.94 -4.56 49.96
C LYS A 369 -1.55 -4.59 49.35
N LYS A 370 -1.20 -3.51 48.66
CA LYS A 370 0.10 -3.40 48.00
C LYS A 370 1.10 -2.70 48.91
N TYR A 371 2.23 -3.35 49.14
CA TYR A 371 3.27 -2.79 49.99
C TYR A 371 4.00 -1.65 49.28
N PRO A 372 4.43 -0.64 50.04
CA PRO A 372 5.21 0.45 49.44
C PRO A 372 6.53 -0.05 48.88
N GLN A 373 6.94 0.55 47.76
CA GLN A 373 8.10 0.12 47.01
C GLN A 373 9.14 1.22 46.89
N SER A 374 10.41 0.85 47.04
CA SER A 374 11.54 1.75 46.79
C SER A 374 12.48 1.09 45.78
N LEU A 375 12.84 1.84 44.73
CA LEU A 375 13.66 1.32 43.65
C LEU A 375 14.88 2.20 43.44
N ILE A 376 16.05 1.57 43.26
CA ILE A 376 17.33 2.25 43.12
C ILE A 376 18.19 1.57 42.05
N ASN A 377 18.94 2.39 41.31
CA ASN A 377 19.84 1.90 40.25
C ASN A 377 21.29 2.20 40.61
N VAL A 378 22.14 1.19 40.50
CA VAL A 378 23.57 1.30 40.78
C VAL A 378 24.34 0.77 39.58
N ARG A 379 25.22 1.61 39.03
CA ARG A 379 25.95 1.34 37.80
C ARG A 379 27.21 0.55 38.13
N VAL A 380 27.16 -0.77 37.92
CA VAL A 380 28.17 -1.67 38.47
C VAL A 380 28.99 -2.31 37.36
N THR A 381 30.16 -2.82 37.73
CA THR A 381 30.89 -3.74 36.88
C THR A 381 30.22 -5.10 36.92
N ASP A 382 30.13 -5.74 35.77
CA ASP A 382 29.66 -7.13 35.62
C ASP A 382 28.53 -7.53 36.59
N LYS A 383 27.33 -7.69 36.04
CA LYS A 383 26.13 -7.75 36.87
C LYS A 383 25.96 -9.08 37.61
N TYR A 384 26.59 -10.16 37.15
CA TYR A 384 26.38 -11.45 37.79
C TYR A 384 27.01 -11.49 39.18
N ARG A 385 28.11 -10.76 39.37
CA ARG A 385 28.84 -10.82 40.63
C ARG A 385 28.04 -10.27 41.81
N VAL A 386 26.97 -9.54 41.56
CA VAL A 386 26.34 -8.75 42.62
C VAL A 386 25.78 -9.67 43.71
N GLU A 387 25.01 -10.68 43.32
CA GLU A 387 24.46 -11.58 44.32
C GLU A 387 25.44 -12.66 44.75
N GLU A 388 26.53 -12.86 44.00
CA GLU A 388 27.61 -13.70 44.52
C GLU A 388 28.46 -12.94 45.52
N ASN A 389 28.50 -11.60 45.42
CA ASN A 389 29.34 -10.79 46.29
C ASN A 389 28.98 -11.01 47.76
N VAL A 390 30.01 -11.18 48.59
CA VAL A 390 29.78 -11.55 49.98
C VAL A 390 29.16 -10.39 50.75
N ASP A 391 29.71 -9.19 50.61
CA ASP A 391 29.18 -8.03 51.33
C ASP A 391 27.74 -7.75 50.94
N VAL A 392 27.41 -7.88 49.65
CA VAL A 392 26.04 -7.68 49.20
C VAL A 392 25.11 -8.73 49.81
N LYS A 393 25.54 -9.99 49.84
CA LYS A 393 24.71 -11.04 50.42
C LYS A 393 24.39 -10.76 51.89
N GLU A 394 25.39 -10.30 52.65
CA GLU A 394 25.23 -10.18 54.09
C GLU A 394 24.31 -9.02 54.48
N VAL A 395 24.44 -7.87 53.81
CA VAL A 395 23.55 -6.76 54.10
C VAL A 395 22.12 -7.12 53.72
N MET A 396 21.94 -7.86 52.61
CA MET A 396 20.62 -8.36 52.27
C MET A 396 20.06 -9.25 53.37
N THR A 397 20.90 -10.11 53.94
CA THR A 397 20.46 -10.96 55.03
C THR A 397 20.05 -10.12 56.23
N LYS A 398 20.89 -9.15 56.61
CA LYS A 398 20.54 -8.24 57.69
C LYS A 398 19.19 -7.57 57.45
N VAL A 399 19.03 -7.00 56.25
CA VAL A 399 17.76 -6.38 55.88
C VAL A 399 16.62 -7.38 55.97
N GLU A 400 16.90 -8.58 55.46
CA GLU A 400 15.92 -9.69 55.51
C GLU A 400 15.66 -10.00 56.98
N VAL A 401 16.71 -10.00 57.80
CA VAL A 401 16.58 -10.29 59.26
C VAL A 401 15.72 -9.22 59.92
N GLU A 402 16.00 -7.94 59.66
CA GLU A 402 15.25 -6.86 60.30
C GLU A 402 13.78 -6.85 60.01
N MET A 403 13.39 -7.14 58.78
CA MET A 403 11.97 -7.21 58.50
C MET A 403 11.73 -8.59 59.05
N ASN A 404 10.80 -8.73 60.01
CA ASN A 404 10.57 -10.04 60.58
C ASN A 404 10.11 -10.92 59.47
N GLY A 405 9.18 -10.38 58.70
CA GLY A 405 8.64 -11.06 57.55
C GLY A 405 7.83 -10.08 56.73
N GLU A 406 7.68 -8.87 57.25
CA GLU A 406 6.88 -7.86 56.57
C GLU A 406 7.58 -7.07 55.50
N GLY A 407 7.88 -7.77 54.43
CA GLY A 407 8.47 -7.13 53.24
C GLY A 407 9.38 -8.10 52.52
N ARG A 408 9.97 -7.68 51.41
CA ARG A 408 10.91 -8.57 50.67
C ARG A 408 11.85 -7.70 49.85
N ILE A 409 12.99 -8.25 49.44
CA ILE A 409 13.94 -7.48 48.65
C ILE A 409 14.30 -8.28 47.39
N LEU A 410 14.52 -7.56 46.29
CA LEU A 410 14.88 -8.13 45.00
C LEU A 410 16.07 -7.39 44.41
N VAL A 411 17.08 -8.14 43.97
CA VAL A 411 18.27 -7.58 43.34
C VAL A 411 18.42 -8.26 41.99
N ARG A 412 18.13 -7.52 40.92
CA ARG A 412 18.17 -8.07 39.58
C ARG A 412 18.93 -7.13 38.67
N PRO A 413 19.61 -7.67 37.66
CA PRO A 413 20.17 -6.82 36.62
C PRO A 413 19.22 -6.66 35.44
N SER A 414 19.34 -5.53 34.77
CA SER A 414 18.53 -5.23 33.59
C SER A 414 19.36 -5.59 32.36
N GLY A 415 18.78 -6.41 31.48
CA GLY A 415 19.49 -6.76 30.26
C GLY A 415 19.73 -5.57 29.35
N THR A 416 18.78 -4.63 29.33
CA THR A 416 18.94 -3.44 28.47
C THR A 416 20.12 -2.58 28.90
N GLU A 417 20.41 -2.53 30.20
CA GLU A 417 21.38 -1.58 30.74
C GLU A 417 22.55 -2.29 31.42
N PRO A 418 23.64 -1.59 31.75
CA PRO A 418 24.78 -2.27 32.39
C PRO A 418 24.84 -2.03 33.90
N LEU A 419 23.68 -1.92 34.53
CA LEU A 419 23.58 -1.64 35.96
C LEU A 419 22.60 -2.63 36.58
N VAL A 420 22.60 -2.68 37.91
CA VAL A 420 21.69 -3.54 38.63
C VAL A 420 20.55 -2.73 39.23
N ARG A 421 19.45 -3.42 39.45
CA ARG A 421 18.20 -2.83 39.92
C ARG A 421 17.96 -3.37 41.33
N VAL A 422 17.93 -2.47 42.31
CA VAL A 422 17.69 -2.84 43.70
C VAL A 422 16.23 -2.57 44.00
N MET A 423 15.47 -3.63 44.28
CA MET A 423 14.05 -3.55 44.54
C MET A 423 13.81 -3.94 45.99
N VAL A 424 13.10 -3.09 46.73
CA VAL A 424 12.74 -3.37 48.11
C VAL A 424 11.26 -3.05 48.31
N GLU A 425 10.54 -3.98 48.93
CA GLU A 425 9.15 -3.79 49.31
C GLU A 425 9.05 -3.97 50.82
N ALA A 426 8.45 -3.02 51.50
CA ALA A 426 8.42 -3.02 52.96
C ALA A 426 7.11 -2.41 53.42
N ALA A 427 6.88 -2.52 54.73
CA ALA A 427 5.62 -2.07 55.31
C ALA A 427 5.40 -0.57 55.11
N THR A 428 6.46 0.23 55.30
CA THR A 428 6.35 1.68 55.27
C THR A 428 7.27 2.26 54.20
N ASP A 429 6.80 3.34 53.57
CA ASP A 429 7.64 4.09 52.63
C ASP A 429 9.00 4.40 53.23
N GLU A 430 9.04 4.82 54.50
CA GLU A 430 10.30 5.18 55.13
C GLU A 430 11.20 3.97 55.33
N ASP A 431 10.62 2.83 55.71
CA ASP A 431 11.40 1.61 55.79
C ASP A 431 11.89 1.19 54.41
N ALA A 432 11.00 1.15 53.43
CA ALA A 432 11.37 0.68 52.09
C ALA A 432 12.50 1.51 51.52
N GLU A 433 12.44 2.84 51.69
CA GLU A 433 13.51 3.71 51.21
C GLU A 433 14.79 3.45 51.98
N ARG A 434 14.70 3.11 53.26
CA ARG A 434 15.90 2.94 54.07
C ARG A 434 16.62 1.65 53.72
N PHE A 435 15.90 0.53 53.66
CA PHE A 435 16.55 -0.73 53.31
C PHE A 435 17.15 -0.65 51.91
N ALA A 436 16.46 0.03 50.99
CA ALA A 436 16.98 0.18 49.63
C ALA A 436 18.29 0.95 49.64
N GLN A 437 18.36 2.01 50.45
CA GLN A 437 19.57 2.82 50.51
C GLN A 437 20.71 2.04 51.17
N GLN A 438 20.41 1.29 52.25
CA GLN A 438 21.43 0.49 52.89
C GLN A 438 22.03 -0.52 51.93
N ILE A 439 21.17 -1.22 51.17
CA ILE A 439 21.65 -2.20 50.20
C ILE A 439 22.36 -1.50 49.05
N ALA A 440 21.78 -0.42 48.53
CA ALA A 440 22.40 0.28 47.40
C ALA A 440 23.77 0.84 47.78
N ASP A 441 23.91 1.32 49.02
CA ASP A 441 25.21 1.80 49.48
C ASP A 441 26.27 0.71 49.40
N VAL A 442 25.94 -0.49 49.91
CA VAL A 442 26.91 -1.58 49.92
C VAL A 442 27.32 -1.96 48.50
N VAL A 443 26.34 -2.06 47.60
CA VAL A 443 26.66 -2.36 46.20
C VAL A 443 27.50 -1.22 45.60
N GLN A 444 27.12 0.03 45.87
CA GLN A 444 27.80 1.16 45.25
C GLN A 444 29.28 1.18 45.62
N ASP A 445 29.61 0.89 46.88
CA ASP A 445 31.02 0.92 47.29
C ASP A 445 31.81 -0.22 46.68
N LYS A 446 31.24 -1.42 46.66
CA LYS A 446 31.99 -2.61 46.27
C LYS A 446 31.78 -3.01 44.82
N MET A 447 30.74 -2.50 44.17
CA MET A 447 30.46 -2.82 42.77
C MET A 447 30.41 -1.60 41.87
N GLY A 448 30.40 -0.41 42.42
CA GLY A 448 30.35 0.79 41.59
C GLY A 448 31.59 1.00 40.75
N LEU A 449 31.59 0.48 39.53
CA LEU A 449 32.47 0.99 38.49
C LEU A 449 32.22 2.49 38.41
N ASP A 450 31.03 2.82 37.96
CA ASP A 450 30.44 4.14 38.09
C ASP A 450 30.13 4.44 39.56
N LYS A 451 31.15 4.33 40.42
CA LYS A 451 31.09 4.68 41.84
C LYS A 451 30.58 6.10 42.03
N LYS B 3 19.68 2.74 -18.26
CA LYS B 3 18.73 3.85 -18.24
C LYS B 3 17.33 3.27 -18.01
N TYR B 4 16.71 3.69 -16.90
CA TYR B 4 15.40 3.17 -16.52
C TYR B 4 14.28 3.71 -17.40
N PHE B 5 14.31 5.01 -17.70
CA PHE B 5 13.23 5.60 -18.48
C PHE B 5 13.29 5.14 -19.93
N GLY B 6 12.13 4.74 -20.46
CA GLY B 6 12.03 4.35 -21.86
C GLY B 6 11.31 5.40 -22.67
N THR B 7 10.57 4.96 -23.70
CA THR B 7 9.83 5.90 -24.54
C THR B 7 8.68 6.56 -23.78
N ASP B 8 7.97 5.81 -22.93
CA ASP B 8 6.80 6.30 -22.21
C ASP B 8 6.94 5.92 -20.74
N GLY B 9 7.79 6.65 -20.02
CA GLY B 9 7.97 6.36 -18.62
C GLY B 9 8.87 5.16 -18.40
N VAL B 10 8.70 4.54 -17.24
CA VAL B 10 9.45 3.35 -16.85
C VAL B 10 8.55 2.15 -17.09
N ARG B 11 8.96 1.26 -17.99
CA ARG B 11 8.17 0.08 -18.32
C ARG B 11 9.01 -1.17 -18.08
N GLY B 12 8.35 -2.24 -17.65
CA GLY B 12 9.03 -3.49 -17.44
C GLY B 12 8.06 -4.55 -16.99
N VAL B 13 8.56 -5.79 -16.92
CA VAL B 13 7.78 -6.87 -16.33
C VAL B 13 7.69 -6.65 -14.83
N ALA B 14 6.47 -6.64 -14.31
CA ALA B 14 6.28 -6.37 -12.90
C ALA B 14 6.93 -7.47 -12.07
N ASN B 15 7.76 -7.06 -11.12
CA ASN B 15 8.42 -7.91 -10.13
C ASN B 15 9.65 -8.61 -10.72
N GLN B 16 10.04 -8.27 -11.95
CA GLN B 16 11.28 -8.81 -12.51
C GLN B 16 12.12 -7.70 -13.12
N GLU B 17 11.59 -7.05 -14.16
CA GLU B 17 12.31 -5.91 -14.73
C GLU B 17 12.15 -4.67 -13.86
N LEU B 18 10.93 -4.35 -13.46
CA LEU B 18 10.66 -3.28 -12.51
C LEU B 18 10.14 -3.92 -11.23
N THR B 19 10.82 -3.68 -10.13
CA THR B 19 10.50 -4.30 -8.85
C THR B 19 9.76 -3.29 -7.96
N PRO B 20 9.03 -3.76 -6.95
CA PRO B 20 8.43 -2.81 -6.00
C PRO B 20 9.45 -1.88 -5.37
N GLU B 21 10.69 -2.35 -5.23
CA GLU B 21 11.77 -1.49 -4.76
C GLU B 21 11.98 -0.32 -5.70
N LEU B 22 11.92 -0.59 -7.02
CA LEU B 22 12.05 0.50 -8.00
C LEU B 22 10.86 1.43 -7.95
N ALA B 23 9.64 0.88 -7.85
CA ALA B 23 8.45 1.71 -7.74
C ALA B 23 8.51 2.61 -6.51
N PHE B 24 9.09 2.09 -5.42
CA PHE B 24 9.26 2.90 -4.22
C PHE B 24 10.16 4.10 -4.48
N LYS B 25 11.31 3.86 -5.15
CA LYS B 25 12.23 4.95 -5.44
C LYS B 25 11.60 5.99 -6.37
N LEU B 26 10.83 5.53 -7.36
CA LEU B 26 10.18 6.46 -8.27
C LEU B 26 9.21 7.35 -7.53
N GLY B 27 8.51 6.80 -6.53
CA GLY B 27 7.66 7.62 -5.69
C GLY B 27 8.46 8.57 -4.83
N ARG B 28 9.53 8.06 -4.20
CA ARG B 28 10.35 8.89 -3.31
C ARG B 28 11.15 9.92 -4.09
N TYR B 29 11.91 9.49 -5.09
CA TYR B 29 12.76 10.44 -5.81
C TYR B 29 11.94 11.29 -6.77
N GLY B 30 11.14 10.65 -7.62
CA GLY B 30 10.29 11.40 -8.53
C GLY B 30 9.39 12.39 -7.82
N GLY B 31 8.86 12.01 -6.66
CA GLY B 31 8.04 12.92 -5.88
C GLY B 31 8.82 14.16 -5.46
N TYR B 32 10.03 13.96 -4.93
CA TYR B 32 10.83 15.09 -4.49
C TYR B 32 11.17 16.03 -5.64
N VAL B 33 11.64 15.47 -6.77
CA VAL B 33 12.02 16.28 -7.91
C VAL B 33 10.84 17.01 -8.51
N LEU B 34 9.75 16.28 -8.76
CA LEU B 34 8.62 16.82 -9.52
C LEU B 34 7.53 17.51 -8.70
N ALA B 35 7.44 17.28 -7.38
CA ALA B 35 6.31 17.80 -6.60
C ALA B 35 6.64 18.86 -5.57
N HIS B 36 7.92 19.17 -5.34
CA HIS B 36 8.29 20.01 -4.21
C HIS B 36 8.53 21.46 -4.61
N ASN B 37 7.42 22.17 -4.72
CA ASN B 37 7.34 23.62 -4.63
C ASN B 37 6.21 24.02 -3.69
N LYS B 38 5.62 23.06 -2.97
CA LYS B 38 4.63 23.31 -1.94
C LYS B 38 4.95 22.43 -0.73
N GLY B 39 4.53 22.89 0.45
CA GLY B 39 4.95 22.24 1.69
C GLY B 39 4.55 20.77 1.75
N GLU B 40 3.28 20.48 1.50
CA GLU B 40 2.73 19.12 1.60
C GLU B 40 2.19 18.76 0.22
N PRO B 43 3.05 18.43 -0.74
CA PRO B 43 2.61 18.25 -2.12
C PRO B 43 1.45 17.27 -2.24
N ARG B 44 0.54 17.56 -3.16
CA ARG B 44 -0.60 16.69 -3.44
C ARG B 44 -0.34 15.97 -4.75
N VAL B 45 -0.36 14.66 -4.72
CA VAL B 45 -0.08 13.84 -5.89
C VAL B 45 -1.24 12.86 -6.06
N LEU B 46 -1.59 12.59 -7.31
CA LEU B 46 -2.69 11.70 -7.64
C LEU B 46 -2.13 10.45 -8.29
N VAL B 47 -2.68 9.28 -7.91
CA VAL B 47 -2.18 8.00 -8.38
C VAL B 47 -3.34 7.19 -8.94
N GLY B 48 -3.15 6.67 -10.15
CA GLY B 48 -4.10 5.79 -10.77
C GLY B 48 -3.40 4.55 -11.31
N ARG B 49 -4.21 3.60 -11.76
CA ARG B 49 -3.70 2.33 -12.26
C ARG B 49 -4.75 1.68 -13.13
N ASP B 50 -4.33 0.66 -13.88
CA ASP B 50 -5.24 -0.14 -14.68
C ASP B 50 -5.60 -1.43 -13.95
N THR B 51 -6.10 -2.42 -14.68
CA THR B 51 -6.66 -3.63 -14.09
C THR B 51 -5.63 -4.73 -13.83
N ARG B 52 -4.38 -4.54 -14.26
CA ARG B 52 -3.39 -5.61 -14.08
C ARG B 52 -3.11 -5.88 -12.61
N VAL B 53 -3.06 -7.17 -12.27
CA VAL B 53 -2.46 -7.54 -11.00
C VAL B 53 -1.01 -7.08 -11.05
N SER B 54 -0.49 -6.64 -9.90
CA SER B 54 0.82 -6.03 -9.67
C SER B 54 0.64 -4.52 -9.70
N GLY B 55 -0.46 -4.05 -10.29
CA GLY B 55 -0.82 -2.66 -10.12
C GLY B 55 -1.09 -2.37 -8.65
N GLU B 56 -1.64 -3.35 -7.94
CA GLU B 56 -1.86 -3.24 -6.50
C GLU B 56 -0.54 -3.22 -5.75
N MET B 57 0.39 -4.11 -6.13
CA MET B 57 1.67 -4.20 -5.43
C MET B 57 2.56 -3.00 -5.70
N LEU B 58 2.66 -2.59 -6.97
CA LEU B 58 3.49 -1.44 -7.31
C LEU B 58 2.93 -0.16 -6.71
N GLU B 59 1.61 -0.03 -6.64
CA GLU B 59 0.99 1.16 -6.07
C GLU B 59 1.39 1.33 -4.61
N SER B 60 1.29 0.25 -3.83
CA SER B 60 1.65 0.32 -2.42
C SER B 60 3.10 0.74 -2.23
N ALA B 61 3.99 0.22 -3.08
CA ALA B 61 5.41 0.62 -3.02
C ALA B 61 5.58 2.08 -3.41
N LEU B 62 4.88 2.52 -4.45
CA LEU B 62 4.97 3.92 -4.87
C LEU B 62 4.42 4.84 -3.80
N ILE B 63 3.25 4.53 -3.26
CA ILE B 63 2.62 5.38 -2.25
C ILE B 63 3.51 5.51 -1.02
N ALA B 64 4.15 4.41 -0.61
CA ALA B 64 5.11 4.49 0.48
C ALA B 64 6.22 5.49 0.17
N GLY B 65 6.71 5.50 -1.07
CA GLY B 65 7.72 6.47 -1.44
C GLY B 65 7.22 7.89 -1.38
N LEU B 66 6.00 8.12 -1.86
CA LEU B 66 5.42 9.47 -1.82
C LEU B 66 5.19 9.95 -0.41
N ILE B 67 4.68 9.07 0.47
CA ILE B 67 4.42 9.49 1.85
C ILE B 67 5.73 9.76 2.59
N SER B 68 6.73 8.88 2.40
CA SER B 68 8.03 9.03 3.05
C SER B 68 8.71 10.33 2.69
N ILE B 69 8.21 11.02 1.66
CA ILE B 69 8.77 12.28 1.19
C ILE B 69 7.96 13.48 1.64
N GLY B 70 6.77 13.28 2.19
CA GLY B 70 5.93 14.37 2.64
C GLY B 70 4.73 14.68 1.75
N ALA B 71 4.43 13.84 0.77
CA ALA B 71 3.33 14.10 -0.14
C ALA B 71 2.00 13.76 0.51
N GLU B 72 0.95 14.42 0.03
CA GLU B 72 -0.44 14.07 0.36
C GLU B 72 -0.97 13.25 -0.80
N VAL B 73 -0.98 11.94 -0.62
CA VAL B 73 -1.38 11.04 -1.71
C VAL B 73 -2.89 10.92 -1.73
N MET B 74 -3.46 10.92 -2.95
CA MET B 74 -4.89 10.75 -3.17
C MET B 74 -5.06 9.62 -4.18
N ARG B 75 -5.53 8.47 -3.72
CA ARG B 75 -5.71 7.33 -4.61
C ARG B 75 -6.92 7.53 -5.51
N LEU B 76 -6.79 7.14 -6.77
CA LEU B 76 -7.87 7.22 -7.73
C LEU B 76 -8.43 5.84 -8.10
N GLY B 77 -7.76 4.77 -7.72
CA GLY B 77 -8.22 3.45 -8.11
C GLY B 77 -7.97 3.20 -9.59
N ILE B 78 -8.89 2.46 -10.20
CA ILE B 78 -8.79 2.14 -11.61
C ILE B 78 -9.36 3.30 -12.43
N ILE B 79 -8.52 3.89 -13.28
CA ILE B 79 -8.90 4.99 -14.17
C ILE B 79 -7.98 4.90 -15.37
N SER B 80 -8.42 5.50 -16.47
CA SER B 80 -7.61 5.58 -17.67
C SER B 80 -6.52 6.62 -17.49
N THR B 81 -5.42 6.45 -18.22
CA THR B 81 -4.32 7.41 -18.14
C THR B 81 -4.76 8.86 -18.38
N PRO B 82 -5.63 9.18 -19.34
CA PRO B 82 -6.10 10.57 -19.47
C PRO B 82 -6.84 11.05 -18.24
N GLY B 83 -7.60 10.16 -17.58
CA GLY B 83 -8.24 10.54 -16.33
C GLY B 83 -7.27 11.09 -15.31
N VAL B 84 -6.12 10.42 -15.15
CA VAL B 84 -5.08 10.94 -14.27
C VAL B 84 -4.61 12.31 -14.74
N ALA B 85 -4.33 12.42 -16.05
CA ALA B 85 -3.87 13.69 -16.61
C ALA B 85 -4.91 14.78 -16.41
N TYR B 86 -6.17 14.48 -16.74
CA TYR B 86 -7.22 15.48 -16.58
C TYR B 86 -7.37 15.89 -15.12
N LEU B 87 -7.47 14.91 -14.22
CA LEU B 87 -7.73 15.23 -12.82
C LEU B 87 -6.56 16.02 -12.23
N THR B 88 -5.32 15.66 -12.57
CA THR B 88 -4.17 16.39 -12.04
C THR B 88 -4.29 17.88 -12.35
N ARG B 89 -4.70 18.22 -13.57
CA ARG B 89 -4.84 19.63 -13.94
C ARG B 89 -6.00 20.29 -13.21
N ASP B 90 -7.15 19.62 -13.14
CA ASP B 90 -8.34 20.25 -12.56
C ASP B 90 -8.22 20.42 -11.05
N MET B 91 -7.60 19.46 -10.35
CA MET B 91 -7.48 19.57 -8.90
C MET B 91 -6.34 20.49 -8.47
N GLY B 92 -5.59 21.05 -9.42
CA GLY B 92 -4.45 21.85 -9.03
C GLY B 92 -3.40 21.03 -8.32
N ALA B 93 -3.31 19.75 -8.65
CA ALA B 93 -2.39 18.85 -7.99
C ALA B 93 -0.98 19.06 -8.52
N GLU B 94 0.00 18.83 -7.64
CA GLU B 94 1.39 19.05 -8.02
C GLU B 94 1.84 18.01 -9.04
N LEU B 95 1.35 16.78 -8.92
CA LEU B 95 1.78 15.70 -9.81
C LEU B 95 0.74 14.60 -9.88
N GLY B 96 0.74 13.88 -11.00
CA GLY B 96 -0.10 12.72 -11.18
C GLY B 96 0.71 11.53 -11.65
N VAL B 97 0.35 10.35 -11.15
CA VAL B 97 1.07 9.12 -11.46
C VAL B 97 0.06 8.10 -11.98
N MET B 98 0.41 7.42 -13.08
CA MET B 98 -0.40 6.36 -13.66
C MET B 98 0.42 5.08 -13.73
N ILE B 99 -0.13 4.00 -13.19
CA ILE B 99 0.53 2.69 -13.16
C ILE B 99 -0.13 1.81 -14.20
N SER B 100 0.55 1.59 -15.31
CA SER B 100 0.00 0.81 -16.43
C SER B 100 1.09 0.58 -17.46
N ALA B 101 0.88 -0.41 -18.32
CA ALA B 101 1.76 -0.66 -19.46
C ALA B 101 1.03 -0.49 -20.80
N SER B 102 -0.15 0.12 -20.78
CA SER B 102 -0.96 0.39 -21.99
C SER B 102 -1.32 -0.95 -22.65
N HIS B 103 -1.08 -1.12 -23.96
CA HIS B 103 -1.52 -2.32 -24.67
C HIS B 103 -0.78 -3.59 -24.28
N ASN B 104 0.41 -3.47 -23.66
CA ASN B 104 1.24 -4.62 -23.31
C ASN B 104 0.51 -5.67 -22.49
N PRO B 105 0.95 -6.92 -22.53
CA PRO B 105 0.25 -7.99 -21.80
C PRO B 105 0.31 -7.80 -20.29
N VAL B 106 -0.47 -8.65 -19.60
CA VAL B 106 -0.69 -8.49 -18.16
C VAL B 106 0.61 -8.53 -17.38
N ALA B 107 1.55 -9.38 -17.80
CA ALA B 107 2.81 -9.52 -17.06
C ALA B 107 3.57 -8.21 -16.96
N ASP B 108 3.53 -7.40 -18.02
CA ASP B 108 4.24 -6.13 -18.02
C ASP B 108 3.45 -5.06 -17.28
N ASN B 109 4.16 -4.06 -16.76
CA ASN B 109 3.54 -2.90 -16.14
C ASN B 109 4.50 -1.72 -16.25
N GLY B 110 4.01 -0.54 -15.89
CA GLY B 110 4.83 0.64 -16.06
C GLY B 110 4.34 1.81 -15.23
N ILE B 111 5.17 2.84 -15.16
CA ILE B 111 4.88 4.05 -14.39
C ILE B 111 5.10 5.27 -15.28
N LYS B 112 4.07 6.10 -15.43
CA LYS B 112 4.13 7.33 -16.20
C LYS B 112 3.78 8.49 -15.28
N PHE B 113 4.45 9.62 -15.47
CA PHE B 113 4.25 10.78 -14.64
C PHE B 113 3.60 11.91 -15.42
N PHE B 114 2.86 12.75 -14.71
CA PHE B 114 2.23 13.93 -15.29
C PHE B 114 2.50 15.13 -14.39
N GLY B 115 2.83 16.26 -15.03
CA GLY B 115 3.03 17.48 -14.28
C GLY B 115 1.74 18.18 -13.97
N SER B 116 1.84 19.25 -13.19
CA SER B 116 0.66 20.02 -12.83
C SER B 116 -0.09 20.55 -14.05
N ASP B 117 0.60 20.70 -15.18
CA ASP B 117 -0.02 21.16 -16.41
C ASP B 117 -0.63 20.03 -17.24
N GLY B 118 -0.59 18.80 -16.75
CA GLY B 118 -1.15 17.68 -17.48
C GLY B 118 -0.27 17.12 -18.58
N PHE B 119 0.97 17.53 -18.68
CA PHE B 119 1.87 17.03 -19.71
C PHE B 119 2.88 16.08 -19.09
N LYS B 120 3.42 15.18 -19.93
CA LYS B 120 4.44 14.25 -19.47
C LYS B 120 5.73 15.01 -19.17
N LEU B 121 6.66 14.30 -18.53
CA LEU B 121 7.87 14.94 -18.03
C LEU B 121 8.79 15.35 -19.17
N SER B 122 9.53 16.43 -18.94
CA SER B 122 10.58 16.84 -19.87
C SER B 122 11.82 15.97 -19.68
N ASP B 123 12.63 15.89 -20.75
CA ASP B 123 13.83 15.07 -20.68
C ASP B 123 14.80 15.57 -19.61
N GLU B 124 14.72 16.85 -19.26
CA GLU B 124 15.47 17.37 -18.12
C GLU B 124 14.96 16.73 -16.82
N GLN B 125 13.64 16.79 -16.59
CA GLN B 125 13.05 16.14 -15.42
C GLN B 125 13.35 14.65 -15.42
N GLU B 126 13.27 14.02 -16.60
CA GLU B 126 13.62 12.61 -16.72
C GLU B 126 15.07 12.38 -16.31
N ASN B 127 15.98 13.25 -16.77
CA ASN B 127 17.39 13.10 -16.44
C ASN B 127 17.67 13.27 -14.95
N GLU B 128 17.03 14.25 -14.31
CA GLU B 128 17.27 14.50 -12.88
C GLU B 128 16.88 13.28 -12.02
N ILE B 129 15.75 12.64 -12.34
CA ILE B 129 15.31 11.49 -11.57
C ILE B 129 16.30 10.34 -11.69
N GLU B 130 16.82 10.10 -12.90
CA GLU B 130 17.76 9.01 -13.10
C GLU B 130 19.06 9.24 -12.34
N ALA B 131 19.48 10.50 -12.21
CA ALA B 131 20.68 10.80 -11.44
C ALA B 131 20.52 10.42 -9.98
N LEU B 132 19.33 10.66 -9.40
CA LEU B 132 19.09 10.26 -8.02
C LEU B 132 19.09 8.75 -7.87
N LEU B 133 18.59 8.02 -8.86
CA LEU B 133 18.63 6.57 -8.83
C LEU B 133 20.06 6.06 -8.78
N ASP B 134 20.97 6.76 -9.46
CA ASP B 134 22.38 6.35 -9.49
C ASP B 134 23.11 6.65 -8.18
N GLN B 135 22.75 7.73 -7.48
CA GLN B 135 23.46 8.08 -6.25
C GLN B 135 23.39 6.96 -5.22
N GLU B 136 24.54 6.65 -4.61
CA GLU B 136 24.61 5.57 -3.64
C GLU B 136 23.76 5.87 -2.41
N ASN B 137 23.92 7.06 -1.82
CA ASN B 137 23.15 7.47 -0.66
C ASN B 137 22.83 8.95 -0.76
N PRO B 138 21.71 9.31 -1.37
CA PRO B 138 21.31 10.72 -1.39
C PRO B 138 20.47 11.10 -0.18
N GLU B 139 20.81 12.21 0.45
CA GLU B 139 20.11 12.66 1.66
C GLU B 139 18.89 13.47 1.24
N LEU B 140 17.72 12.85 1.34
CA LEU B 140 16.44 13.46 1.01
C LEU B 140 15.63 13.68 2.28
N PRO B 141 14.57 14.49 2.21
CA PRO B 141 13.77 14.74 3.42
C PRO B 141 13.17 13.46 3.99
N ARG B 142 13.12 13.39 5.31
CA ARG B 142 12.58 12.24 6.03
C ARG B 142 11.63 12.74 7.12
N PRO B 143 10.45 13.19 6.75
CA PRO B 143 9.50 13.72 7.74
C PRO B 143 9.12 12.68 8.79
N VAL B 144 8.96 13.13 10.04
CA VAL B 144 8.61 12.27 11.16
C VAL B 144 7.52 12.95 11.97
N GLY B 145 6.80 12.13 12.74
CA GLY B 145 5.75 12.65 13.60
C GLY B 145 4.66 13.36 12.82
N ASN B 146 4.31 14.57 13.27
CA ASN B 146 3.24 15.34 12.64
C ASN B 146 3.54 15.65 11.17
N ASP B 147 4.80 15.57 10.76
CA ASP B 147 5.18 15.94 9.41
C ASP B 147 4.61 14.99 8.35
N ILE B 148 4.34 13.74 8.73
CA ILE B 148 3.75 12.78 7.79
C ILE B 148 2.25 13.04 7.67
N VAL B 149 1.73 12.89 6.46
CA VAL B 149 0.33 13.21 6.17
C VAL B 149 -0.43 11.93 5.88
N HIS B 150 -1.74 12.00 6.07
CA HIS B 150 -2.63 10.89 5.77
C HIS B 150 -2.93 10.83 4.27
N TYR B 151 -2.86 9.63 3.70
CA TYR B 151 -3.33 9.48 2.34
C TYR B 151 -4.85 9.39 2.33
N SER B 152 -5.45 9.59 1.16
CA SER B 152 -6.90 9.62 1.05
C SER B 152 -7.35 8.94 -0.24
N ASP B 153 -8.61 8.52 -0.24
CA ASP B 153 -9.23 7.87 -1.39
C ASP B 153 -10.12 8.88 -2.12
N TYR B 154 -9.79 9.16 -3.38
CA TYR B 154 -10.65 10.03 -4.16
C TYR B 154 -11.32 9.24 -5.27
N PHE B 155 -12.16 8.29 -4.90
CA PHE B 155 -12.92 7.53 -5.88
C PHE B 155 -13.93 8.40 -6.62
N GLU B 156 -14.31 9.53 -6.03
CA GLU B 156 -15.24 10.45 -6.68
C GLU B 156 -14.69 10.94 -8.01
N GLY B 157 -13.36 11.00 -8.14
CA GLY B 157 -12.74 11.55 -9.34
C GLY B 157 -13.21 10.89 -10.63
N ALA B 158 -13.40 9.58 -10.61
CA ALA B 158 -13.77 8.85 -11.83
C ALA B 158 -15.05 9.41 -12.44
N GLN B 159 -16.06 9.70 -11.61
CA GLN B 159 -17.31 10.26 -12.14
C GLN B 159 -17.11 11.70 -12.61
N LYS B 160 -16.27 12.47 -11.92
CA LYS B 160 -15.98 13.82 -12.38
C LYS B 160 -15.32 13.81 -13.76
N TYR B 161 -14.44 12.84 -14.00
CA TYR B 161 -13.84 12.69 -15.32
C TYR B 161 -14.89 12.39 -16.38
N LEU B 162 -15.84 11.49 -16.07
CA LEU B 162 -16.88 11.14 -17.03
C LEU B 162 -17.80 12.33 -17.31
N SER B 163 -18.18 13.07 -16.26
CA SER B 163 -19.03 14.25 -16.45
C SER B 163 -18.33 15.29 -17.33
N TYR B 164 -17.02 15.44 -17.16
CA TYR B 164 -16.27 16.35 -18.02
C TYR B 164 -16.31 15.89 -19.47
N LEU B 165 -16.14 14.60 -19.71
CA LEU B 165 -16.21 14.08 -21.07
C LEU B 165 -17.57 14.36 -21.70
N LYS B 166 -18.65 14.22 -20.91
CA LYS B 166 -19.98 14.55 -21.39
C LYS B 166 -20.08 16.02 -21.79
N SER B 167 -19.36 16.89 -21.11
CA SER B 167 -19.42 18.33 -21.40
C SER B 167 -18.84 18.68 -22.77
N THR B 168 -17.91 17.86 -23.28
CA THR B 168 -17.23 18.19 -24.53
C THR B 168 -18.17 18.13 -25.73
N VAL B 169 -19.17 17.27 -25.69
CA VAL B 169 -20.12 17.12 -26.78
C VAL B 169 -21.27 18.10 -26.59
N ASP B 170 -21.87 18.52 -27.70
CA ASP B 170 -22.97 19.47 -27.68
C ASP B 170 -24.29 18.83 -28.12
N VAL B 171 -24.31 17.52 -28.32
CA VAL B 171 -25.48 16.79 -28.81
C VAL B 171 -25.44 15.38 -28.25
N ASN B 172 -26.61 14.75 -28.20
CA ASN B 172 -26.76 13.38 -27.73
C ASN B 172 -26.49 12.38 -28.86
N PHE B 173 -26.43 11.10 -28.48
CA PHE B 173 -26.18 10.00 -29.41
C PHE B 173 -27.43 9.15 -29.65
N GLU B 174 -28.62 9.71 -29.47
CA GLU B 174 -29.85 8.95 -29.64
C GLU B 174 -29.96 8.40 -31.06
N GLY B 175 -30.49 7.19 -31.18
CA GLY B 175 -30.60 6.54 -32.47
C GLY B 175 -29.37 5.78 -32.92
N LEU B 176 -28.29 5.80 -32.13
CA LEU B 176 -27.07 5.10 -32.48
C LEU B 176 -26.90 3.86 -31.61
N LYS B 177 -26.52 2.75 -32.23
CA LYS B 177 -26.16 1.54 -31.53
C LYS B 177 -24.66 1.35 -31.70
N ILE B 178 -23.93 1.29 -30.58
CA ILE B 178 -22.47 1.29 -30.58
C ILE B 178 -21.98 0.07 -29.82
N ALA B 179 -21.01 -0.62 -30.40
CA ALA B 179 -20.34 -1.74 -29.75
C ALA B 179 -18.99 -1.27 -29.20
N LEU B 180 -18.67 -1.72 -27.99
CA LEU B 180 -17.46 -1.28 -27.32
C LEU B 180 -16.63 -2.47 -26.84
N ASP B 181 -15.32 -2.33 -26.96
CA ASP B 181 -14.36 -3.30 -26.43
C ASP B 181 -13.47 -2.54 -25.46
N GLY B 182 -13.50 -2.92 -24.19
CA GLY B 182 -12.71 -2.25 -23.19
C GLY B 182 -11.34 -2.82 -22.95
N ALA B 183 -10.97 -3.88 -23.67
CA ALA B 183 -9.67 -4.53 -23.55
C ALA B 183 -9.42 -5.05 -22.14
N ASN B 184 -10.47 -5.22 -21.35
CA ASN B 184 -10.36 -5.61 -19.95
C ASN B 184 -9.56 -4.59 -19.16
N GLY B 185 -9.63 -3.32 -19.59
CA GLY B 185 -8.83 -2.26 -19.02
C GLY B 185 -9.68 -1.22 -18.30
N SER B 186 -9.04 -0.07 -18.06
CA SER B 186 -9.66 1.00 -17.29
C SER B 186 -10.98 1.47 -17.90
N THR B 187 -11.10 1.41 -19.22
CA THR B 187 -12.33 1.84 -19.88
C THR B 187 -13.50 0.90 -19.61
N SER B 188 -13.25 -0.29 -19.08
CA SER B 188 -14.30 -1.29 -18.91
C SER B 188 -15.49 -0.76 -18.13
N SER B 189 -15.24 0.02 -17.08
CA SER B 189 -16.31 0.57 -16.26
C SER B 189 -16.74 1.98 -16.67
N LEU B 190 -16.03 2.60 -17.61
CA LEU B 190 -16.30 3.99 -18.00
C LEU B 190 -17.00 4.10 -19.34
N ALA B 191 -16.52 3.38 -20.35
CA ALA B 191 -17.12 3.51 -21.68
C ALA B 191 -18.58 3.07 -21.74
N PRO B 192 -19.01 1.98 -21.09
CA PRO B 192 -20.44 1.66 -21.16
C PRO B 192 -21.34 2.74 -20.59
N PHE B 193 -20.95 3.36 -19.47
CA PHE B 193 -21.74 4.44 -18.91
C PHE B 193 -21.69 5.68 -19.78
N LEU B 194 -20.50 6.04 -20.27
CA LEU B 194 -20.34 7.30 -21.00
C LEU B 194 -21.19 7.34 -22.27
N PHE B 195 -21.15 6.27 -23.06
CA PHE B 195 -21.96 6.22 -24.27
C PHE B 195 -23.43 5.92 -23.96
N GLY B 196 -23.68 5.06 -22.97
CA GLY B 196 -25.05 4.80 -22.57
C GLY B 196 -25.76 6.03 -22.04
N ASP B 197 -25.03 6.87 -21.29
CA ASP B 197 -25.62 8.09 -20.78
C ASP B 197 -25.99 9.05 -21.90
N LEU B 198 -25.32 8.94 -23.05
CA LEU B 198 -25.61 9.76 -24.22
C LEU B 198 -26.70 9.14 -25.10
N GLU B 199 -27.48 8.19 -24.56
CA GLU B 199 -28.66 7.56 -25.15
C GLU B 199 -28.32 6.54 -26.22
N ALA B 200 -27.05 6.24 -26.46
CA ALA B 200 -26.70 5.21 -27.42
C ALA B 200 -27.02 3.82 -26.87
N ASP B 201 -27.53 2.95 -27.74
CA ASP B 201 -27.72 1.55 -27.38
C ASP B 201 -26.38 0.84 -27.44
N THR B 202 -26.08 0.03 -26.43
CA THR B 202 -24.74 -0.52 -26.28
C THR B 202 -24.74 -2.05 -26.20
N GLU B 203 -23.78 -2.64 -26.88
CA GLU B 203 -23.40 -4.04 -26.71
C GLU B 203 -21.89 -4.07 -26.48
N THR B 204 -21.47 -4.71 -25.39
CA THR B 204 -20.07 -4.65 -24.98
C THR B 204 -19.48 -6.05 -24.82
N ILE B 205 -18.16 -6.11 -24.98
CA ILE B 205 -17.36 -7.31 -24.72
C ILE B 205 -16.03 -6.83 -24.17
N GLY B 206 -15.31 -7.73 -23.52
CA GLY B 206 -14.04 -7.33 -22.95
C GLY B 206 -14.16 -6.38 -21.77
N CYS B 207 -15.32 -6.34 -21.13
CA CYS B 207 -15.56 -5.49 -19.97
C CYS B 207 -15.72 -6.31 -18.70
N SER B 208 -15.01 -7.42 -18.60
CA SER B 208 -15.04 -8.30 -17.43
C SER B 208 -13.60 -8.57 -16.98
N PRO B 209 -12.93 -7.56 -16.43
CA PRO B 209 -11.54 -7.75 -16.01
C PRO B 209 -11.44 -8.59 -14.75
N ASP B 210 -10.38 -9.41 -14.67
CA ASP B 210 -10.13 -10.22 -13.49
C ASP B 210 -8.69 -10.05 -13.01
N GLY B 211 -7.95 -9.09 -13.55
CA GLY B 211 -6.59 -8.84 -13.15
C GLY B 211 -5.55 -9.59 -13.96
N TYR B 212 -5.96 -10.59 -14.74
CA TYR B 212 -5.05 -11.37 -15.55
C TYR B 212 -5.46 -11.39 -17.02
N ASN B 213 -6.59 -10.78 -17.36
CA ASN B 213 -7.16 -10.89 -18.70
C ASN B 213 -7.07 -9.59 -19.48
N ILE B 214 -6.28 -8.63 -19.02
CA ILE B 214 -6.17 -7.35 -19.73
C ILE B 214 -5.51 -7.57 -21.08
N ASN B 215 -6.06 -6.93 -22.11
CA ASN B 215 -5.47 -6.92 -23.44
C ASN B 215 -5.31 -8.32 -24.01
N GLU B 216 -6.19 -9.23 -23.61
CA GLU B 216 -6.16 -10.63 -24.04
C GLU B 216 -7.18 -10.86 -25.14
N LYS B 217 -6.68 -11.00 -26.36
CA LYS B 217 -7.51 -11.26 -27.55
C LYS B 217 -8.64 -10.24 -27.68
N CYS B 218 -8.34 -8.99 -27.33
CA CYS B 218 -9.29 -7.90 -27.47
C CYS B 218 -8.53 -6.59 -27.29
N GLY B 219 -9.22 -5.49 -27.59
CA GLY B 219 -8.62 -4.17 -27.47
C GLY B 219 -8.28 -3.56 -28.82
N SER B 220 -7.64 -2.39 -28.75
CA SER B 220 -7.22 -1.71 -29.97
C SER B 220 -6.23 -2.56 -30.75
N THR B 221 -5.35 -3.27 -30.04
CA THR B 221 -4.37 -4.12 -30.71
C THR B 221 -5.06 -5.30 -31.41
N HIS B 222 -6.14 -5.82 -30.82
CA HIS B 222 -6.87 -6.96 -31.36
C HIS B 222 -8.31 -6.53 -31.59
N PRO B 223 -8.63 -5.96 -32.75
CA PRO B 223 -10.01 -5.56 -33.04
C PRO B 223 -10.84 -6.61 -33.75
N GLU B 224 -10.29 -7.80 -34.02
CA GLU B 224 -11.05 -8.80 -34.75
C GLU B 224 -12.31 -9.20 -34.01
N LYS B 225 -12.21 -9.35 -32.68
CA LYS B 225 -13.36 -9.78 -31.89
C LYS B 225 -14.45 -8.71 -31.85
N LEU B 226 -14.07 -7.44 -31.91
CA LEU B 226 -15.08 -6.37 -31.91
C LEU B 226 -15.78 -6.29 -33.26
N ALA B 227 -15.01 -6.28 -34.35
CA ALA B 227 -15.60 -6.21 -35.68
C ALA B 227 -16.59 -7.34 -35.91
N GLU B 228 -16.27 -8.53 -35.41
CA GLU B 228 -17.21 -9.64 -35.42
C GLU B 228 -18.52 -9.26 -34.72
N LYS B 229 -18.40 -8.57 -33.57
CA LYS B 229 -19.59 -8.18 -32.81
C LYS B 229 -20.41 -7.12 -33.56
N VAL B 230 -19.74 -6.19 -34.22
CA VAL B 230 -20.45 -5.12 -34.93
C VAL B 230 -21.37 -5.69 -35.99
N VAL B 231 -20.88 -6.65 -36.77
CA VAL B 231 -21.70 -7.26 -37.80
C VAL B 231 -22.81 -8.11 -37.19
N GLU B 232 -22.47 -8.90 -36.16
CA GLU B 232 -23.44 -9.82 -35.59
C GLU B 232 -24.59 -9.10 -34.90
N THR B 233 -24.30 -8.05 -34.13
CA THR B 233 -25.36 -7.30 -33.47
C THR B 233 -26.03 -6.29 -34.39
N GLU B 234 -25.60 -6.21 -35.65
CA GLU B 234 -26.16 -5.26 -36.60
C GLU B 234 -26.08 -3.83 -36.08
N SER B 235 -24.95 -3.51 -35.46
CA SER B 235 -24.69 -2.19 -34.90
C SER B 235 -24.15 -1.25 -35.97
N ASP B 236 -24.31 0.05 -35.73
CA ASP B 236 -23.85 1.03 -36.71
C ASP B 236 -22.32 1.09 -36.79
N PHE B 237 -21.65 1.00 -35.64
CA PHE B 237 -20.18 0.98 -35.62
C PHE B 237 -19.73 0.52 -34.24
N GLY B 238 -18.42 0.29 -34.13
CA GLY B 238 -17.84 -0.16 -32.88
C GLY B 238 -16.55 0.58 -32.58
N LEU B 239 -16.24 0.67 -31.29
CA LEU B 239 -15.04 1.35 -30.80
C LEU B 239 -14.26 0.41 -29.90
N ALA B 240 -12.95 0.35 -30.10
CA ALA B 240 -12.07 -0.52 -29.32
C ALA B 240 -11.03 0.33 -28.59
N PHE B 241 -10.80 -0.01 -27.33
CA PHE B 241 -9.89 0.72 -26.46
C PHE B 241 -8.76 -0.20 -26.02
N ASP B 242 -7.70 0.40 -25.48
CA ASP B 242 -6.57 -0.34 -24.95
C ASP B 242 -6.61 -0.39 -23.43
N GLY B 243 -5.60 -1.03 -22.84
CA GLY B 243 -5.61 -1.30 -21.41
C GLY B 243 -5.74 -0.05 -20.56
N ASP B 244 -4.98 1.00 -20.89
CA ASP B 244 -5.03 2.24 -20.13
C ASP B 244 -5.83 3.33 -20.83
N GLY B 245 -6.43 3.03 -21.98
CA GLY B 245 -7.38 3.92 -22.61
C GLY B 245 -6.84 5.20 -23.19
N ASP B 246 -5.58 5.21 -23.66
CA ASP B 246 -5.05 6.37 -24.37
C ASP B 246 -5.12 6.22 -25.88
N ARG B 247 -5.59 5.07 -26.38
CA ARG B 247 -5.73 4.83 -27.80
C ARG B 247 -7.17 4.43 -28.13
N ILE B 248 -7.55 4.67 -29.39
CA ILE B 248 -8.87 4.30 -29.89
C ILE B 248 -8.73 3.80 -31.32
N ILE B 249 -9.42 2.71 -31.62
CA ILE B 249 -9.55 2.20 -32.98
C ILE B 249 -11.03 1.92 -33.24
N ALA B 250 -11.50 2.27 -34.42
CA ALA B 250 -12.92 2.20 -34.74
C ALA B 250 -13.17 1.12 -35.78
N VAL B 251 -14.41 0.65 -35.82
CA VAL B 251 -14.86 -0.36 -36.76
C VAL B 251 -16.13 0.17 -37.44
N ASP B 252 -16.21 0.00 -38.76
CA ASP B 252 -17.34 0.54 -39.52
C ASP B 252 -18.56 -0.38 -39.43
N GLU B 253 -19.55 -0.10 -40.28
CA GLU B 253 -20.73 -0.95 -40.38
C GLU B 253 -20.39 -2.36 -40.86
N ASN B 254 -19.39 -2.50 -41.72
CA ASN B 254 -19.07 -3.76 -42.38
C ASN B 254 -17.97 -4.55 -41.68
N GLY B 255 -17.39 -4.03 -40.61
CA GLY B 255 -16.32 -4.74 -39.93
C GLY B 255 -14.91 -4.33 -40.33
N GLN B 256 -14.77 -3.34 -41.21
CA GLN B 256 -13.45 -2.83 -41.56
C GLN B 256 -12.89 -1.99 -40.41
N ILE B 257 -11.57 -1.92 -40.35
CA ILE B 257 -10.88 -1.23 -39.26
C ILE B 257 -10.59 0.20 -39.68
N VAL B 258 -10.83 1.13 -38.77
CA VAL B 258 -10.57 2.55 -38.98
C VAL B 258 -9.44 2.94 -38.05
N ASP B 259 -8.29 3.30 -38.62
CA ASP B 259 -7.10 3.60 -37.81
C ASP B 259 -7.12 5.04 -37.34
N GLY B 260 -6.06 5.43 -36.63
CA GLY B 260 -5.96 6.79 -36.12
C GLY B 260 -5.89 7.84 -37.20
N ASP B 261 -5.27 7.52 -38.35
CA ASP B 261 -5.17 8.49 -39.43
C ASP B 261 -6.54 8.89 -39.94
N GLN B 262 -7.40 7.90 -40.21
CA GLN B 262 -8.76 8.20 -40.67
C GLN B 262 -9.55 8.93 -39.60
N ILE B 263 -9.45 8.49 -38.35
CA ILE B 263 -10.15 9.15 -37.26
C ILE B 263 -9.69 10.60 -37.15
N MET B 264 -8.38 10.84 -37.30
CA MET B 264 -7.88 12.21 -37.29
C MET B 264 -8.47 13.04 -38.43
N PHE B 265 -8.59 12.44 -39.61
CA PHE B 265 -9.13 13.15 -40.76
C PHE B 265 -10.59 13.52 -40.56
N ILE B 266 -11.39 12.56 -40.08
CA ILE B 266 -12.81 12.82 -39.87
C ILE B 266 -13.01 13.96 -38.87
N ILE B 267 -12.28 13.90 -37.76
CA ILE B 267 -12.44 14.91 -36.70
C ILE B 267 -11.93 16.26 -37.18
N GLY B 268 -10.76 16.28 -37.83
CA GLY B 268 -10.24 17.54 -38.35
C GLY B 268 -11.08 18.13 -39.45
N GLN B 269 -11.72 17.29 -40.27
CA GLN B 269 -12.62 17.78 -41.30
C GLN B 269 -13.74 18.61 -40.70
N GLU B 270 -14.40 18.09 -39.66
CA GLU B 270 -15.50 18.83 -39.04
C GLU B 270 -15.01 20.09 -38.36
N MET B 271 -13.86 20.02 -37.67
CA MET B 271 -13.30 21.22 -37.05
C MET B 271 -12.98 22.30 -38.09
N HIS B 272 -12.47 21.87 -39.25
CA HIS B 272 -12.01 22.85 -40.24
C HIS B 272 -13.17 23.70 -40.77
N LYS B 273 -14.24 23.05 -41.22
CA LYS B 273 -15.38 23.79 -41.75
C LYS B 273 -15.98 24.70 -40.69
N ASN B 274 -16.04 24.24 -39.45
CA ASN B 274 -16.52 25.05 -38.34
C ASN B 274 -15.47 26.04 -37.86
N GLN B 275 -14.25 26.00 -38.44
CA GLN B 275 -13.14 26.87 -38.08
C GLN B 275 -12.65 26.66 -36.66
N GLU B 276 -12.99 25.50 -36.06
CA GLU B 276 -12.46 25.16 -34.76
C GLU B 276 -10.98 24.79 -34.83
N LEU B 277 -10.47 24.50 -36.02
CA LEU B 277 -9.09 24.07 -36.17
C LEU B 277 -8.16 25.28 -36.16
N ASN B 278 -7.23 25.30 -35.22
CA ASN B 278 -6.29 26.41 -35.10
C ASN B 278 -5.24 26.32 -36.19
N ASN B 279 -5.08 27.40 -36.96
CA ASN B 279 -4.11 27.51 -38.04
C ASN B 279 -4.37 26.50 -39.15
N ASP B 280 -5.56 25.92 -39.16
CA ASP B 280 -5.99 24.99 -40.22
C ASP B 280 -4.99 23.86 -40.42
N MET B 281 -4.40 23.37 -39.34
CA MET B 281 -3.34 22.37 -39.43
C MET B 281 -3.57 21.22 -38.46
N ILE B 282 -3.02 20.07 -38.81
CA ILE B 282 -3.06 18.86 -38.01
C ILE B 282 -1.63 18.33 -37.89
N VAL B 283 -1.20 18.04 -36.66
CA VAL B 283 0.12 17.47 -36.40
C VAL B 283 0.02 15.95 -36.50
N SER B 284 1.08 15.33 -37.01
CA SER B 284 1.11 13.88 -37.15
C SER B 284 2.56 13.43 -37.27
N THR B 285 2.76 12.13 -37.16
CA THR B 285 4.07 11.53 -37.30
C THR B 285 4.30 11.10 -38.74
N VAL B 286 5.58 10.96 -39.10
CA VAL B 286 5.93 10.50 -40.44
C VAL B 286 5.39 9.10 -40.69
N MET B 287 5.14 8.34 -39.63
CA MET B 287 4.62 6.97 -39.79
C MET B 287 3.24 6.96 -40.43
N SER B 288 2.55 8.11 -40.41
CA SER B 288 1.21 8.21 -40.98
C SER B 288 1.23 7.95 -42.49
N ASN B 289 0.15 7.33 -42.97
CA ASN B 289 0.09 6.89 -44.36
C ASN B 289 -0.09 8.08 -45.30
N LEU B 290 0.34 7.90 -46.55
CA LEU B 290 0.25 8.97 -47.55
C LEU B 290 -1.19 9.35 -47.84
N GLY B 291 -2.10 8.36 -47.90
CA GLY B 291 -3.50 8.67 -48.16
C GLY B 291 -4.06 9.68 -47.18
N PHE B 292 -3.60 9.63 -45.93
CA PHE B 292 -3.96 10.64 -44.95
C PHE B 292 -3.50 12.03 -45.39
N TYR B 293 -2.26 12.11 -45.89
CA TYR B 293 -1.72 13.40 -46.33
C TYR B 293 -2.40 13.87 -47.62
N LYS B 294 -2.72 12.96 -48.54
CA LYS B 294 -3.37 13.37 -49.78
C LYS B 294 -4.77 13.92 -49.51
N ALA B 295 -5.51 13.27 -48.61
CA ALA B 295 -6.84 13.77 -48.26
C ALA B 295 -6.74 15.16 -47.66
N LEU B 296 -5.68 15.43 -46.90
CA LEU B 296 -5.46 16.77 -46.37
C LEU B 296 -5.26 17.78 -47.47
N GLU B 297 -4.70 17.37 -48.62
CA GLU B 297 -4.60 18.30 -49.74
C GLU B 297 -5.96 18.55 -50.38
N GLN B 298 -6.78 17.50 -50.51
CA GLN B 298 -8.12 17.69 -51.06
C GLN B 298 -8.92 18.66 -50.21
N GLU B 299 -8.80 18.53 -48.89
CA GLU B 299 -9.37 19.51 -47.98
C GLU B 299 -8.41 20.70 -47.88
N GLY B 300 -8.83 21.73 -47.16
CA GLY B 300 -7.99 22.91 -47.02
C GLY B 300 -7.16 22.89 -45.76
N ILE B 301 -6.50 21.76 -45.46
CA ILE B 301 -5.77 21.57 -44.23
C ILE B 301 -4.28 21.41 -44.52
N LYS B 302 -3.44 22.10 -43.73
CA LYS B 302 -2.00 21.94 -43.79
C LYS B 302 -1.59 20.74 -42.92
N SER B 303 -0.28 20.45 -42.89
CA SER B 303 0.17 19.27 -42.18
C SER B 303 1.62 19.44 -41.73
N ASN B 304 1.88 19.02 -40.49
CA ASN B 304 3.22 19.02 -39.90
C ASN B 304 3.61 17.60 -39.53
N LYS B 305 4.79 17.17 -39.99
CA LYS B 305 5.29 15.84 -39.70
C LYS B 305 6.34 15.95 -38.61
N THR B 306 6.34 14.98 -37.70
CA THR B 306 7.26 14.98 -36.56
C THR B 306 7.82 13.59 -36.35
N LYS B 307 8.80 13.51 -35.46
CA LYS B 307 9.38 12.24 -35.06
C LYS B 307 8.32 11.37 -34.39
N VAL B 308 8.47 10.05 -34.55
CA VAL B 308 7.52 9.10 -33.96
C VAL B 308 7.54 9.22 -32.44
N GLY B 309 6.36 9.13 -31.83
CA GLY B 309 6.26 9.21 -30.38
C GLY B 309 5.23 10.20 -29.88
N ASP B 310 4.57 9.87 -28.75
CA ASP B 310 3.57 10.76 -28.18
C ASP B 310 4.18 12.10 -27.82
N ARG B 311 5.40 12.09 -27.28
CA ARG B 311 6.03 13.31 -26.78
C ARG B 311 6.19 14.34 -27.89
N TYR B 312 6.67 13.91 -29.05
CA TYR B 312 7.03 14.85 -30.11
C TYR B 312 5.79 15.45 -30.77
N VAL B 313 4.72 14.65 -30.90
CA VAL B 313 3.47 15.18 -31.43
C VAL B 313 2.98 16.33 -30.57
N VAL B 314 2.81 16.08 -29.27
CA VAL B 314 2.31 17.10 -28.36
C VAL B 314 3.30 18.25 -28.23
N GLU B 315 4.60 17.94 -28.28
CA GLU B 315 5.63 18.97 -28.21
C GLU B 315 5.47 19.97 -29.35
N GLU B 316 5.29 19.47 -30.57
CA GLU B 316 5.05 20.37 -31.71
C GLU B 316 3.74 21.12 -31.54
N MET B 317 2.72 20.43 -31.01
CA MET B 317 1.42 21.07 -30.79
C MET B 317 1.52 22.24 -29.82
N ARG B 318 2.33 22.10 -28.76
CA ARG B 318 2.49 23.21 -27.82
C ARG B 318 3.27 24.37 -28.42
N ARG B 319 4.28 24.09 -29.25
CA ARG B 319 5.13 25.16 -29.78
C ARG B 319 4.33 26.11 -30.66
N GLY B 320 3.54 25.57 -31.58
CA GLY B 320 2.68 26.38 -32.41
C GLY B 320 1.26 26.54 -31.92
N ASN B 321 0.90 25.85 -30.83
CA ASN B 321 -0.45 25.89 -30.27
C ASN B 321 -1.51 25.42 -31.27
N TYR B 322 -1.30 24.22 -31.80
CA TYR B 322 -2.27 23.55 -32.65
C TYR B 322 -3.14 22.66 -31.77
N ASN B 323 -4.42 22.57 -32.12
CA ASN B 323 -5.38 21.87 -31.27
C ASN B 323 -5.57 20.41 -31.61
N LEU B 324 -5.08 19.92 -32.75
CA LEU B 324 -5.31 18.54 -33.13
C LEU B 324 -4.04 17.87 -33.63
N GLY B 325 -3.77 16.69 -33.10
CA GLY B 325 -2.66 15.87 -33.54
C GLY B 325 -2.81 14.47 -32.98
N GLY B 326 -2.12 13.53 -33.62
CA GLY B 326 -2.21 12.14 -33.18
C GLY B 326 -1.32 11.22 -33.98
N GLU B 327 -1.46 9.93 -33.70
CA GLU B 327 -0.72 8.88 -34.36
C GLU B 327 -1.67 7.91 -35.04
N GLN B 328 -1.11 7.10 -35.95
CA GLN B 328 -1.89 6.06 -36.61
C GLN B 328 -2.33 4.98 -35.62
N SER B 329 -1.54 4.74 -34.57
CA SER B 329 -1.88 3.71 -33.59
C SER B 329 -3.20 3.97 -32.87
N GLY B 330 -3.71 5.19 -32.93
CA GLY B 330 -4.94 5.57 -32.24
C GLY B 330 -4.74 6.55 -31.11
N HIS B 331 -3.50 6.95 -30.83
CA HIS B 331 -3.21 7.92 -29.79
C HIS B 331 -3.43 9.31 -30.37
N ILE B 332 -4.56 9.93 -30.04
CA ILE B 332 -4.99 11.19 -30.63
C ILE B 332 -5.19 12.22 -29.52
N VAL B 333 -4.75 13.44 -29.77
CA VAL B 333 -4.75 14.51 -28.76
C VAL B 333 -5.64 15.63 -29.26
N MET B 334 -6.55 16.08 -28.41
CA MET B 334 -7.41 17.23 -28.69
C MET B 334 -7.09 18.29 -27.64
N MET B 335 -6.28 19.28 -28.02
CA MET B 335 -5.76 20.23 -27.04
C MET B 335 -6.86 21.03 -26.36
N ASP B 336 -7.94 21.35 -27.08
CA ASP B 336 -9.02 22.12 -26.47
C ASP B 336 -9.64 21.41 -25.26
N TYR B 337 -9.50 20.09 -25.17
CA TYR B 337 -10.14 19.32 -24.11
C TYR B 337 -9.17 18.57 -23.21
N ASN B 338 -8.12 17.96 -23.76
CA ASN B 338 -7.18 17.19 -22.96
C ASN B 338 -5.76 17.46 -23.43
N THR B 339 -4.80 17.13 -22.55
CA THR B 339 -3.38 17.36 -22.81
C THR B 339 -2.63 16.08 -23.21
N THR B 340 -3.33 14.98 -23.40
CA THR B 340 -2.68 13.74 -23.83
C THR B 340 -3.66 12.95 -24.66
N GLY B 341 -3.18 11.85 -25.24
CA GLY B 341 -4.04 11.00 -26.02
C GLY B 341 -5.12 10.40 -25.15
N ASP B 342 -6.39 10.55 -25.56
CA ASP B 342 -7.53 10.12 -24.76
C ASP B 342 -8.45 9.35 -25.69
N GLY B 343 -8.54 8.03 -25.46
CA GLY B 343 -9.39 7.20 -26.30
C GLY B 343 -10.87 7.47 -26.11
N LEU B 344 -11.29 7.68 -24.86
CA LEU B 344 -12.70 7.94 -24.59
C LEU B 344 -13.15 9.25 -25.23
N LEU B 345 -12.36 10.32 -25.04
CA LEU B 345 -12.69 11.60 -25.65
C LEU B 345 -12.78 11.50 -27.17
N THR B 346 -11.78 10.89 -27.79
CA THR B 346 -11.81 10.73 -29.24
C THR B 346 -13.02 9.91 -29.68
N GLY B 347 -13.40 8.92 -28.89
CA GLY B 347 -14.57 8.12 -29.20
C GLY B 347 -15.83 8.96 -29.27
N ILE B 348 -16.02 9.85 -28.30
CA ILE B 348 -17.20 10.70 -28.30
C ILE B 348 -17.14 11.67 -29.48
N GLN B 349 -15.97 12.26 -29.72
CA GLN B 349 -15.83 13.25 -30.78
C GLN B 349 -16.02 12.63 -32.15
N LEU B 350 -15.55 11.39 -32.33
CA LEU B 350 -15.81 10.69 -33.59
C LEU B 350 -17.30 10.44 -33.79
N ALA B 351 -17.96 9.90 -32.77
CA ALA B 351 -19.40 9.68 -32.86
C ALA B 351 -20.16 10.99 -33.01
N SER B 352 -19.68 12.04 -32.35
CA SER B 352 -20.32 13.35 -32.46
C SER B 352 -20.36 13.83 -33.91
N VAL B 353 -19.25 13.68 -34.63
CA VAL B 353 -19.22 14.07 -36.05
C VAL B 353 -20.21 13.23 -36.85
N ILE B 354 -20.32 11.93 -36.52
CA ILE B 354 -21.22 11.06 -37.26
C ILE B 354 -22.68 11.50 -37.09
N LYS B 355 -23.07 11.85 -35.88
CA LYS B 355 -24.47 12.21 -35.65
C LYS B 355 -24.84 13.52 -36.34
N MET B 356 -23.95 14.52 -36.28
CA MET B 356 -24.27 15.79 -36.90
C MET B 356 -24.46 15.63 -38.40
N THR B 357 -23.58 14.89 -39.06
CA THR B 357 -23.70 14.67 -40.49
C THR B 357 -24.81 13.68 -40.82
N GLY B 358 -25.07 12.73 -39.93
CA GLY B 358 -26.02 11.68 -40.23
C GLY B 358 -25.53 10.64 -41.22
N LYS B 359 -24.22 10.59 -41.45
CA LYS B 359 -23.61 9.65 -42.37
C LYS B 359 -23.18 8.38 -41.63
N SER B 360 -22.47 7.50 -42.32
CA SER B 360 -21.91 6.29 -41.73
C SER B 360 -20.39 6.36 -41.76
N LEU B 361 -19.76 5.45 -41.00
CA LEU B 361 -18.30 5.45 -40.91
C LEU B 361 -17.65 5.09 -42.23
N SER B 362 -18.20 4.10 -42.94
CA SER B 362 -17.59 3.65 -44.19
C SER B 362 -17.51 4.79 -45.20
N GLU B 363 -18.55 5.62 -45.29
CA GLU B 363 -18.51 6.78 -46.16
C GLU B 363 -17.51 7.82 -45.66
N LEU B 364 -17.43 7.99 -44.34
CA LEU B 364 -16.45 8.92 -43.77
C LEU B 364 -15.04 8.34 -43.84
N ALA B 365 -14.89 7.03 -43.62
CA ALA B 365 -13.58 6.41 -43.73
C ALA B 365 -13.11 6.33 -45.18
N GLY B 366 -14.03 6.12 -46.12
CA GLY B 366 -13.69 6.04 -47.53
C GLY B 366 -13.13 7.32 -48.11
N GLN B 367 -13.16 8.42 -47.36
CA GLN B 367 -12.64 9.69 -47.85
C GLN B 367 -11.13 9.62 -48.12
N MET B 368 -10.43 8.71 -47.47
CA MET B 368 -9.01 8.49 -47.70
C MET B 368 -8.77 7.00 -47.88
N LYS B 369 -7.93 6.65 -48.84
CA LYS B 369 -7.53 5.27 -49.06
C LYS B 369 -6.20 5.01 -48.38
N LYS B 370 -6.09 3.84 -47.75
CA LYS B 370 -4.86 3.47 -47.06
C LYS B 370 -3.96 2.76 -48.07
N TYR B 371 -2.80 3.30 -48.30
CA TYR B 371 -1.95 2.54 -49.19
C TYR B 371 -1.36 1.34 -48.44
N PRO B 372 -1.17 0.23 -49.12
CA PRO B 372 -0.60 -0.95 -48.47
C PRO B 372 0.79 -0.66 -47.94
N GLN B 373 1.11 -1.29 -46.82
CA GLN B 373 2.37 -1.07 -46.15
C GLN B 373 3.17 -2.36 -46.19
N SER B 374 4.44 -2.24 -46.52
CA SER B 374 5.38 -3.34 -46.46
C SER B 374 6.54 -2.92 -45.59
N LEU B 375 6.84 -3.75 -44.60
CA LEU B 375 7.89 -3.44 -43.63
C LEU B 375 8.90 -4.58 -43.64
N ILE B 376 10.17 -4.22 -43.70
CA ILE B 376 11.25 -5.19 -43.71
C ILE B 376 12.35 -4.64 -42.82
N ASN B 377 12.94 -5.52 -42.02
CA ASN B 377 14.05 -5.17 -41.15
C ASN B 377 15.24 -6.00 -41.58
N VAL B 378 16.38 -5.35 -41.73
CA VAL B 378 17.59 -6.00 -42.22
C VAL B 378 18.69 -5.82 -41.19
N ARG B 379 19.17 -6.94 -40.65
CA ARG B 379 20.43 -6.92 -39.90
C ARG B 379 21.50 -6.25 -40.74
N VAL B 380 22.25 -5.35 -40.12
CA VAL B 380 23.28 -4.61 -40.82
C VAL B 380 24.57 -4.65 -40.02
N THR B 381 25.67 -4.37 -40.72
CA THR B 381 26.95 -4.15 -40.05
C THR B 381 26.94 -2.82 -39.33
N ASP B 382 26.22 -1.84 -39.88
CA ASP B 382 26.02 -0.52 -39.30
C ASP B 382 25.00 0.20 -40.16
N LYS B 383 24.37 1.19 -39.57
CA LYS B 383 23.34 1.96 -40.26
C LYS B 383 23.80 3.34 -40.69
N TYR B 384 24.79 3.90 -40.01
CA TYR B 384 25.23 5.25 -40.36
C TYR B 384 26.05 5.26 -41.65
N ARG B 385 26.44 4.09 -42.15
CA ARG B 385 26.93 3.99 -43.52
C ARG B 385 25.84 3.61 -44.52
N VAL B 386 24.66 3.17 -44.06
CA VAL B 386 23.69 2.60 -45.01
C VAL B 386 23.07 3.68 -45.87
N GLU B 387 22.77 4.85 -45.29
CA GLU B 387 22.17 5.91 -46.09
C GLU B 387 23.16 6.44 -47.12
N GLU B 388 24.45 6.46 -46.77
CA GLU B 388 25.46 7.01 -47.66
C GLU B 388 25.77 6.10 -48.84
N ASN B 389 25.55 4.79 -48.68
CA ASN B 389 25.99 3.82 -49.68
C ASN B 389 25.39 4.13 -51.05
N VAL B 390 26.24 4.06 -52.08
CA VAL B 390 25.84 4.45 -53.43
C VAL B 390 24.83 3.44 -53.98
N ASP B 391 25.11 2.15 -53.83
CA ASP B 391 24.23 1.12 -54.35
C ASP B 391 22.83 1.25 -53.75
N VAL B 392 22.74 1.51 -52.46
CA VAL B 392 21.44 1.75 -51.83
C VAL B 392 20.85 3.06 -52.37
N LYS B 393 21.67 4.11 -52.46
CA LYS B 393 21.17 5.36 -53.04
C LYS B 393 20.68 5.14 -54.46
N GLU B 394 21.39 4.31 -55.23
CA GLU B 394 21.03 4.15 -56.64
C GLU B 394 19.70 3.42 -56.80
N VAL B 395 19.48 2.35 -56.05
CA VAL B 395 18.19 1.67 -56.14
C VAL B 395 17.08 2.56 -55.60
N MET B 396 17.33 3.24 -54.49
CA MET B 396 16.34 4.19 -53.99
C MET B 396 16.10 5.33 -54.97
N THR B 397 17.16 5.87 -55.57
CA THR B 397 16.98 6.95 -56.55
C THR B 397 16.17 6.46 -57.74
N LYS B 398 16.52 5.29 -58.28
CA LYS B 398 15.70 4.65 -59.29
C LYS B 398 14.26 4.48 -58.82
N VAL B 399 14.07 4.23 -57.53
CA VAL B 399 12.73 4.08 -56.99
C VAL B 399 11.98 5.42 -57.05
N GLU B 400 12.64 6.52 -56.67
CA GLU B 400 11.96 7.82 -56.70
C GLU B 400 11.52 8.18 -58.11
N VAL B 401 12.28 7.77 -59.12
CA VAL B 401 11.93 8.10 -60.50
C VAL B 401 10.79 7.23 -60.99
N GLU B 402 10.83 5.93 -60.65
CA GLU B 402 9.80 5.02 -61.12
C GLU B 402 8.42 5.42 -60.61
N MET B 403 8.31 5.67 -59.30
CA MET B 403 7.08 6.24 -58.77
C MET B 403 7.18 7.76 -58.82
N ASN B 404 6.59 8.37 -59.85
CA ASN B 404 6.57 9.83 -59.87
C ASN B 404 5.58 10.35 -58.84
N GLY B 405 4.42 9.68 -58.73
CA GLY B 405 3.46 9.94 -57.68
C GLY B 405 2.83 8.69 -57.09
N GLU B 406 3.47 7.53 -57.27
CA GLU B 406 2.82 6.28 -56.87
C GLU B 406 2.85 6.03 -55.37
N GLY B 407 3.74 6.70 -54.64
CA GLY B 407 3.91 6.45 -53.22
C GLY B 407 5.31 6.86 -52.79
N ARG B 408 5.70 6.37 -51.62
CA ARG B 408 7.01 6.72 -51.07
C ARG B 408 7.57 5.60 -50.21
N ILE B 409 8.88 5.42 -50.31
CA ILE B 409 9.68 4.55 -49.45
C ILE B 409 10.19 5.39 -48.30
N LEU B 410 10.32 4.78 -47.12
CA LEU B 410 10.87 5.46 -45.96
C LEU B 410 11.90 4.51 -45.36
N VAL B 411 13.13 4.99 -45.17
CA VAL B 411 14.22 4.17 -44.66
C VAL B 411 14.79 4.83 -43.42
N ARG B 412 14.72 4.12 -42.29
CA ARG B 412 14.89 4.72 -40.97
C ARG B 412 15.65 3.75 -40.06
N PRO B 413 16.89 4.03 -39.70
CA PRO B 413 17.66 3.08 -38.89
C PRO B 413 17.38 3.20 -37.40
N SER B 414 17.52 2.09 -36.71
CA SER B 414 17.23 2.04 -35.27
C SER B 414 18.50 2.21 -34.47
N GLY B 415 18.52 3.22 -33.61
CA GLY B 415 19.60 3.36 -32.65
C GLY B 415 19.59 2.26 -31.62
N THR B 416 18.41 1.73 -31.31
CA THR B 416 18.29 0.69 -30.29
C THR B 416 19.04 -0.58 -30.69
N GLU B 417 18.82 -1.05 -31.90
CA GLU B 417 19.35 -2.32 -32.36
C GLU B 417 19.99 -2.15 -33.73
N PRO B 418 20.91 -2.99 -34.06
CA PRO B 418 21.74 -2.79 -35.26
C PRO B 418 21.08 -3.25 -36.56
N LEU B 419 19.88 -2.72 -36.82
CA LEU B 419 19.16 -3.03 -38.05
C LEU B 419 18.59 -1.77 -38.68
N VAL B 420 18.21 -1.86 -39.95
CA VAL B 420 17.53 -0.76 -40.65
C VAL B 420 16.10 -1.20 -40.93
N ARG B 421 15.16 -0.30 -40.64
CA ARG B 421 13.75 -0.51 -40.97
C ARG B 421 13.49 0.02 -42.37
N VAL B 422 13.07 -0.85 -43.28
CA VAL B 422 12.75 -0.47 -44.65
C VAL B 422 11.23 -0.50 -44.80
N MET B 423 10.63 0.68 -44.96
CA MET B 423 9.19 0.81 -45.13
C MET B 423 8.88 1.43 -46.49
N VAL B 424 7.94 0.84 -47.21
CA VAL B 424 7.50 1.34 -48.51
C VAL B 424 5.98 1.40 -48.51
N GLU B 425 5.44 2.51 -48.98
CA GLU B 425 4.00 2.68 -49.19
C GLU B 425 3.77 2.99 -50.65
N ALA B 426 2.88 2.23 -51.29
CA ALA B 426 2.64 2.37 -52.72
C ALA B 426 1.18 2.07 -53.01
N ALA B 427 0.76 2.37 -54.24
CA ALA B 427 -0.65 2.23 -54.62
C ALA B 427 -1.10 0.79 -54.55
N THR B 428 -0.31 -0.14 -55.11
CA THR B 428 -0.67 -1.54 -55.17
C THR B 428 0.41 -2.36 -54.48
N ASP B 429 -0.03 -3.42 -53.78
CA ASP B 429 0.90 -4.35 -53.14
C ASP B 429 1.96 -4.83 -54.11
N GLU B 430 1.58 -5.07 -55.37
CA GLU B 430 2.52 -5.60 -56.34
C GLU B 430 3.63 -4.60 -56.64
N ASP B 431 3.31 -3.32 -56.64
CA ASP B 431 4.36 -2.32 -56.80
C ASP B 431 5.26 -2.29 -55.58
N ALA B 432 4.67 -2.20 -54.38
CA ALA B 432 5.45 -1.98 -53.16
C ALA B 432 6.51 -3.06 -52.95
N GLU B 433 6.13 -4.33 -53.11
CA GLU B 433 7.09 -5.42 -52.93
C GLU B 433 8.17 -5.40 -54.01
N ARG B 434 7.82 -5.00 -55.23
CA ARG B 434 8.84 -4.73 -56.24
C ARG B 434 9.83 -3.69 -55.74
N PHE B 435 9.35 -2.71 -54.96
CA PHE B 435 10.26 -1.75 -54.34
C PHE B 435 10.73 -2.23 -52.97
N ALA B 436 9.87 -2.86 -52.17
CA ALA B 436 10.28 -3.27 -50.82
C ALA B 436 11.38 -4.33 -50.86
N GLN B 437 11.19 -5.37 -51.68
CA GLN B 437 12.20 -6.43 -51.73
C GLN B 437 13.46 -5.97 -52.47
N GLN B 438 13.29 -5.23 -53.58
CA GLN B 438 14.45 -4.76 -54.33
C GLN B 438 15.38 -3.95 -53.45
N ILE B 439 14.83 -3.04 -52.66
CA ILE B 439 15.65 -2.22 -51.77
C ILE B 439 16.24 -3.08 -50.65
N ALA B 440 15.42 -3.93 -50.03
CA ALA B 440 15.91 -4.78 -48.96
C ALA B 440 16.97 -5.76 -49.47
N ASP B 441 16.79 -6.26 -50.70
CA ASP B 441 17.80 -7.13 -51.30
C ASP B 441 19.14 -6.41 -51.42
N VAL B 442 19.12 -5.16 -51.91
CA VAL B 442 20.36 -4.40 -52.07
C VAL B 442 21.01 -4.15 -50.72
N VAL B 443 20.21 -3.74 -49.72
CA VAL B 443 20.75 -3.53 -48.38
C VAL B 443 21.31 -4.83 -47.80
N GLN B 444 20.59 -5.94 -47.98
CA GLN B 444 21.02 -7.21 -47.43
C GLN B 444 22.38 -7.63 -47.99
N ASP B 445 22.64 -7.34 -49.26
CA ASP B 445 23.89 -7.77 -49.88
C ASP B 445 25.09 -7.05 -49.28
N LYS B 446 24.91 -5.82 -48.81
CA LYS B 446 26.05 -4.99 -48.42
C LYS B 446 26.43 -5.14 -46.95
N MET B 447 25.48 -5.18 -46.03
CA MET B 447 25.80 -5.40 -44.62
C MET B 447 24.89 -6.45 -44.01
N GLY B 448 25.15 -6.73 -42.73
CA GLY B 448 24.41 -7.70 -41.96
C GLY B 448 25.25 -8.88 -41.50
N LEU B 449 25.81 -9.60 -42.48
CA LEU B 449 26.59 -10.81 -42.24
C LEU B 449 27.11 -11.32 -43.58
N ASP B 450 28.40 -11.67 -43.63
CA ASP B 450 29.01 -12.19 -44.85
C ASP B 450 28.28 -13.43 -45.34
#